data_7PC7
#
_entry.id   7PC7
#
_cell.length_a   60.310
_cell.length_b   61.740
_cell.length_c   285.390
_cell.angle_alpha   90.000
_cell.angle_beta   90.000
_cell.angle_gamma   90.000
#
_symmetry.space_group_name_H-M   'P 21 21 21'
#
loop_
_entity.id
_entity.type
_entity.pdbx_description
1 polymer 'Gamma-1-syntrophin,Annexin A2'
2 polymer 'Phosphatidylinositol 3,4,5-trisphosphate 3-phosphatase and dual-specificity protein phosphatase PTEN'
3 non-polymer 'CALCIUM ION'
4 non-polymer GLYCEROL
5 water water
#
loop_
_entity_poly.entity_id
_entity_poly.type
_entity_poly.pdbx_seq_one_letter_code
_entity_poly.pdbx_strand_id
1 'polypeptide(L)'
;GSHMGGERTVTIRRQTVGGFGLSIKGGAEHNIPVVVSKISKEQRAELSGLLFIGDAILQINGINVRKCRHEEVVQVLRNA
GEEVTLTVSFLKRAPGSAYGSVKAYTNFDAERDALNIETAIKTKGVDEVTIVNILTNRSNEQRQDIAFAYQRRTKKELAS
ALKSALSGHLETVILGLLKTPAQYDASELKASMKGLGTDEDSLIEIICSRTNQELQEINRVYKEMYKTDLEKDIISDTSG
DFRKLMVALAKGRRAEDGSVIDYELIDQDARDLYDAGVKRKGTDVPKWISIMTERSVPHLQKVFDRYKSYSPYDMLESIR
KEVKGDLENAFLNLVQCIQNKPLYFADRLYDSMKGKGTRDKVLIRIMVSRSEVDMLKIRSEFKRKYGKSLYYYIQQDTKG
DYQKALLYLCGGDD
;
A,B
2 'polypeptide(L)' EDQHTQIT(ALY)V E,F
#
# COMPACT_ATOMS: atom_id res chain seq x y z
N GLY A 6 16.53 -0.78 -16.49
CA GLY A 6 16.50 0.02 -15.28
C GLY A 6 15.17 0.72 -15.06
N GLU A 7 14.54 0.43 -13.93
CA GLU A 7 13.29 1.09 -13.57
C GLU A 7 13.61 2.43 -12.91
N ARG A 8 13.22 3.52 -13.57
CA ARG A 8 13.39 4.85 -12.99
C ARG A 8 12.12 5.29 -12.28
N THR A 9 12.30 6.13 -11.26
CA THR A 9 11.20 6.76 -10.55
C THR A 9 11.13 8.23 -10.95
N VAL A 10 9.93 8.69 -11.30
CA VAL A 10 9.71 10.06 -11.74
C VAL A 10 8.51 10.63 -11.00
N THR A 11 8.62 11.88 -10.57
CA THR A 11 7.53 12.60 -9.92
C THR A 11 7.14 13.78 -10.79
N ILE A 12 5.92 13.75 -11.32
CA ILE A 12 5.40 14.80 -12.17
C ILE A 12 4.45 15.66 -11.37
N ARG A 13 4.31 16.90 -11.80
CA ARG A 13 3.47 17.88 -11.12
C ARG A 13 2.58 18.54 -12.15
N ARG A 14 1.33 18.81 -11.77
CA ARG A 14 0.41 19.49 -12.67
C ARG A 14 0.93 20.91 -12.95
N GLN A 15 1.06 21.22 -14.24
CA GLN A 15 1.50 22.54 -14.67
C GLN A 15 0.33 23.48 -14.95
N THR A 16 -0.72 22.97 -15.59
CA THR A 16 -1.95 23.72 -15.81
C THR A 16 -3.06 23.07 -15.00
N VAL A 17 -4.02 23.91 -14.57
CA VAL A 17 -5.25 23.37 -14.01
C VAL A 17 -5.88 22.47 -15.06
N GLY A 18 -5.96 21.17 -14.76
CA GLY A 18 -6.35 20.19 -15.75
C GLY A 18 -5.21 19.83 -16.66
N GLY A 19 -4.14 19.27 -16.10
CA GLY A 19 -3.03 18.83 -16.92
C GLY A 19 -1.67 18.74 -16.26
N PHE A 20 -0.99 17.62 -16.47
CA PHE A 20 0.43 17.48 -16.15
C PHE A 20 1.33 17.93 -17.29
N GLY A 21 0.83 17.92 -18.52
CA GLY A 21 1.64 18.22 -19.68
C GLY A 21 2.20 17.03 -20.43
N LEU A 22 1.56 15.87 -20.33
CA LEU A 22 2.07 14.64 -20.92
C LEU A 22 1.11 14.13 -21.99
N SER A 23 1.67 13.69 -23.11
CA SER A 23 0.91 13.02 -24.16
C SER A 23 1.19 11.53 -24.05
N ILE A 24 0.24 10.79 -23.51
CA ILE A 24 0.40 9.35 -23.31
C ILE A 24 0.06 8.62 -24.60
N LYS A 25 0.67 7.46 -24.80
CA LYS A 25 0.59 6.76 -26.08
C LYS A 25 0.46 5.26 -25.84
N GLY A 26 -0.36 4.61 -26.66
CA GLY A 26 -0.46 3.16 -26.59
C GLY A 26 -1.14 2.67 -25.32
N GLY A 27 -0.96 1.38 -25.07
CA GLY A 27 -1.60 0.72 -23.96
C GLY A 27 -1.67 -0.78 -24.21
N ALA A 28 -2.37 -1.47 -23.30
CA ALA A 28 -2.52 -2.92 -23.41
C ALA A 28 -3.26 -3.35 -24.67
N GLU A 29 -3.88 -2.40 -25.39
CA GLU A 29 -4.47 -2.71 -26.69
C GLU A 29 -3.41 -3.26 -27.65
N HIS A 30 -2.23 -2.66 -27.64
CA HIS A 30 -1.11 -3.11 -28.47
C HIS A 30 -0.17 -4.04 -27.71
N ASN A 31 -0.63 -4.61 -26.60
CA ASN A 31 0.07 -5.57 -25.74
C ASN A 31 1.27 -4.97 -25.01
N ILE A 32 1.54 -3.68 -25.18
CA ILE A 32 2.64 -3.00 -24.49
C ILE A 32 2.07 -2.17 -23.34
N PRO A 33 2.87 -1.80 -22.34
CA PRO A 33 2.41 -0.81 -21.37
C PRO A 33 2.29 0.56 -22.03
N VAL A 34 1.53 1.45 -21.36
CA VAL A 34 1.37 2.79 -21.88
C VAL A 34 2.73 3.50 -21.90
N VAL A 35 2.90 4.42 -22.85
CA VAL A 35 4.19 5.03 -23.14
C VAL A 35 4.02 6.53 -23.28
N VAL A 36 4.96 7.28 -22.71
CA VAL A 36 5.00 8.74 -22.85
C VAL A 36 5.50 9.08 -24.24
N SER A 37 4.79 9.99 -24.92
CA SER A 37 5.15 10.40 -26.27
C SER A 37 5.48 11.89 -26.39
N LYS A 38 5.13 12.71 -25.40
CA LYS A 38 5.45 14.13 -25.46
C LYS A 38 5.42 14.69 -24.04
N ILE A 39 6.37 15.56 -23.74
CA ILE A 39 6.50 16.17 -22.42
C ILE A 39 6.63 17.67 -22.63
N SER A 40 5.71 18.44 -22.06
CA SER A 40 5.78 19.89 -22.16
C SER A 40 7.08 20.40 -21.54
N LYS A 41 7.59 21.49 -22.10
CA LYS A 41 8.82 22.08 -21.59
C LYS A 41 8.71 22.42 -20.12
N GLU A 42 7.52 22.84 -19.67
CA GLU A 42 7.31 23.13 -18.25
C GLU A 42 7.45 21.88 -17.41
N GLN A 43 6.84 20.76 -17.86
CA GLN A 43 6.99 19.52 -17.12
C GLN A 43 8.44 19.07 -17.09
N ARG A 44 9.14 19.20 -18.23
CA ARG A 44 10.56 18.86 -18.27
C ARG A 44 11.37 19.66 -17.26
N ALA A 45 10.94 20.89 -16.96
CA ALA A 45 11.66 21.75 -16.03
C ALA A 45 11.32 21.44 -14.57
N GLU A 46 10.11 20.96 -14.29
CA GLU A 46 9.67 20.81 -12.92
C GLU A 46 9.71 19.38 -12.41
N LEU A 47 9.69 18.38 -13.28
CA LEU A 47 9.64 17.01 -12.81
C LEU A 47 10.92 16.65 -12.04
N SER A 48 10.81 15.65 -11.20
CA SER A 48 11.95 15.06 -10.51
C SER A 48 12.30 13.75 -11.20
N GLY A 49 13.57 13.59 -11.56
CA GLY A 49 14.03 12.44 -12.29
C GLY A 49 14.26 12.73 -13.76
N LEU A 50 14.30 11.65 -14.54
CA LEU A 50 14.42 11.75 -15.99
C LEU A 50 13.28 10.95 -16.61
N LEU A 51 12.42 11.64 -17.36
CA LEU A 51 11.36 11.03 -18.13
C LEU A 51 11.67 11.20 -19.61
N PHE A 52 11.70 10.10 -20.36
CA PHE A 52 12.01 10.11 -21.78
C PHE A 52 10.77 9.75 -22.59
N ILE A 53 10.74 10.24 -23.83
CA ILE A 53 9.76 9.72 -24.79
C ILE A 53 10.12 8.27 -25.09
N GLY A 54 9.17 7.37 -24.84
CA GLY A 54 9.43 5.94 -24.95
C GLY A 54 9.51 5.21 -23.62
N ASP A 55 9.29 5.90 -22.49
CA ASP A 55 9.22 5.24 -21.20
C ASP A 55 7.87 4.55 -21.03
N ALA A 56 7.90 3.28 -20.68
CA ALA A 56 6.69 2.55 -20.34
C ALA A 56 6.30 2.83 -18.90
N ILE A 57 5.01 3.08 -18.66
CA ILE A 57 4.53 3.45 -17.33
C ILE A 57 4.15 2.17 -16.59
N LEU A 58 4.95 1.83 -15.59
CA LEU A 58 4.76 0.56 -14.88
C LEU A 58 3.89 0.72 -13.63
N GLN A 59 4.04 1.81 -12.90
CA GLN A 59 3.25 2.06 -11.70
C GLN A 59 2.92 3.53 -11.60
N ILE A 60 1.82 3.82 -10.90
CA ILE A 60 1.34 5.18 -10.70
C ILE A 60 0.86 5.29 -9.25
N ASN A 61 1.55 6.11 -8.45
CA ASN A 61 1.19 6.31 -7.04
C ASN A 61 1.05 4.97 -6.32
N GLY A 62 1.97 4.06 -6.60
CA GLY A 62 2.01 2.77 -5.92
C GLY A 62 1.12 1.70 -6.50
N ILE A 63 0.32 2.00 -7.51
CA ILE A 63 -0.56 1.00 -8.12
C ILE A 63 0.09 0.49 -9.41
N ASN A 64 0.11 -0.83 -9.58
CA ASN A 64 0.71 -1.45 -10.75
C ASN A 64 -0.24 -1.29 -11.93
N VAL A 65 0.16 -0.49 -12.91
CA VAL A 65 -0.64 -0.24 -14.12
C VAL A 65 0.04 -0.89 -15.30
N ARG A 66 0.83 -1.93 -15.03
CA ARG A 66 1.58 -2.59 -16.10
C ARG A 66 0.64 -3.23 -17.11
N LYS A 67 -0.46 -3.81 -16.63
CA LYS A 67 -1.46 -4.44 -17.49
C LYS A 67 -2.78 -3.68 -17.41
N CYS A 68 -2.78 -2.49 -18.01
CA CYS A 68 -3.96 -1.64 -18.10
C CYS A 68 -4.13 -1.18 -19.54
N ARG A 69 -5.37 -0.99 -19.96
CA ARG A 69 -5.64 -0.46 -21.28
C ARG A 69 -5.38 1.05 -21.29
N HIS A 70 -5.40 1.62 -22.50
CA HIS A 70 -5.04 3.03 -22.65
C HIS A 70 -5.95 3.95 -21.85
N GLU A 71 -7.26 3.70 -21.86
CA GLU A 71 -8.18 4.58 -21.14
C GLU A 71 -8.15 4.36 -19.64
N GLU A 72 -7.64 3.22 -19.18
CA GLU A 72 -7.58 2.96 -17.75
C GLU A 72 -6.55 3.86 -17.06
N VAL A 73 -5.39 4.04 -17.68
CA VAL A 73 -4.38 4.92 -17.10
C VAL A 73 -4.74 6.39 -17.29
N VAL A 74 -5.58 6.70 -18.28
CA VAL A 74 -6.02 8.09 -18.45
C VAL A 74 -6.90 8.51 -17.29
N GLN A 75 -7.82 7.63 -16.88
CA GLN A 75 -8.69 7.94 -15.75
C GLN A 75 -7.90 8.08 -14.47
N VAL A 76 -6.88 7.22 -14.30
CA VAL A 76 -6.05 7.27 -13.10
C VAL A 76 -5.39 8.65 -12.98
N LEU A 77 -4.76 9.11 -14.06
CA LEU A 77 -4.02 10.36 -14.02
C LEU A 77 -4.94 11.56 -13.94
N ARG A 78 -6.12 11.50 -14.58
CA ARG A 78 -7.04 12.64 -14.53
C ARG A 78 -7.64 12.81 -13.14
N ASN A 79 -7.79 11.72 -12.38
CA ASN A 79 -8.33 11.79 -11.03
C ASN A 79 -7.26 11.80 -9.95
N ALA A 80 -6.00 11.93 -10.33
CA ALA A 80 -4.92 12.05 -9.36
C ALA A 80 -4.73 13.51 -8.96
N GLY A 81 -3.93 13.71 -7.92
CA GLY A 81 -3.67 15.04 -7.39
C GLY A 81 -2.74 15.83 -8.27
N GLU A 82 -2.10 16.84 -7.66
CA GLU A 82 -1.20 17.69 -8.42
C GLU A 82 0.17 17.05 -8.62
N GLU A 83 0.62 16.22 -7.68
CA GLU A 83 1.90 15.53 -7.80
C GLU A 83 1.67 14.03 -7.86
N VAL A 84 2.26 13.40 -8.87
CA VAL A 84 2.08 11.98 -9.16
C VAL A 84 3.46 11.34 -9.27
N THR A 85 3.60 10.13 -8.73
CA THR A 85 4.84 9.37 -8.80
C THR A 85 4.66 8.22 -9.78
N LEU A 86 5.54 8.15 -10.78
CA LEU A 86 5.56 7.08 -11.77
C LEU A 86 6.80 6.23 -11.59
N THR A 87 6.64 4.93 -11.82
CA THR A 87 7.76 4.03 -12.08
C THR A 87 7.74 3.73 -13.57
N VAL A 88 8.86 3.98 -14.24
CA VAL A 88 8.94 3.85 -15.68
C VAL A 88 10.17 3.03 -16.05
N SER A 89 10.22 2.63 -17.31
CA SER A 89 11.32 1.86 -17.88
C SER A 89 11.25 2.04 -19.39
N PHE A 90 12.39 2.35 -20.01
CA PHE A 90 12.42 2.56 -21.45
C PHE A 90 12.07 1.26 -22.18
N LEU A 91 11.20 1.36 -23.18
CA LEU A 91 10.84 0.19 -23.96
C LEU A 91 11.94 -0.08 -24.97
N LYS A 92 12.61 -1.22 -24.82
CA LYS A 92 13.78 -1.56 -25.61
C LYS A 92 13.39 -2.26 -26.91
N ALA A 104 27.98 11.05 -25.88
CA ALA A 104 28.22 11.71 -27.16
C ALA A 104 26.91 12.02 -27.90
N TYR A 105 27.03 12.40 -29.17
CA TYR A 105 25.88 12.64 -30.02
C TYR A 105 26.13 11.98 -31.37
N THR A 106 25.04 11.61 -32.06
CA THR A 106 25.15 10.94 -33.36
C THR A 106 25.21 11.91 -34.53
N ASN A 107 24.46 13.01 -34.45
CA ASN A 107 24.49 14.05 -35.48
C ASN A 107 25.09 15.33 -34.89
N PHE A 108 26.31 15.21 -34.36
CA PHE A 108 26.91 16.29 -33.59
C PHE A 108 27.20 17.49 -34.47
N ASP A 109 26.55 18.60 -34.17
CA ASP A 109 26.79 19.88 -34.83
C ASP A 109 27.19 20.84 -33.71
N ALA A 110 28.50 21.11 -33.62
CA ALA A 110 28.99 22.02 -32.59
C ALA A 110 28.39 23.40 -32.74
N GLU A 111 28.20 23.84 -33.99
CA GLU A 111 27.68 25.17 -34.26
C GLU A 111 26.22 25.29 -33.85
N ARG A 112 25.44 24.22 -34.06
CA ARG A 112 24.04 24.25 -33.63
C ARG A 112 23.94 24.15 -32.11
N ASP A 113 24.81 23.35 -31.49
CA ASP A 113 24.86 23.29 -30.03
C ASP A 113 25.20 24.65 -29.43
N ALA A 114 26.24 25.30 -29.98
CA ALA A 114 26.62 26.62 -29.49
C ALA A 114 25.47 27.62 -29.64
N LEU A 115 24.78 27.58 -30.76
CA LEU A 115 23.66 28.50 -30.99
C LEU A 115 22.55 28.26 -29.98
N ASN A 116 22.15 27.01 -29.78
CA ASN A 116 21.08 26.72 -28.84
C ASN A 116 21.49 27.05 -27.41
N ILE A 117 22.77 26.90 -27.08
CA ILE A 117 23.21 27.28 -25.75
C ILE A 117 23.13 28.79 -25.58
N GLU A 118 23.52 29.56 -26.61
CA GLU A 118 23.41 31.01 -26.54
C GLU A 118 21.96 31.45 -26.37
N THR A 119 21.06 30.89 -27.18
CA THR A 119 19.63 31.18 -27.04
C THR A 119 19.13 30.85 -25.64
N ALA A 120 19.61 29.75 -25.06
CA ALA A 120 19.18 29.40 -23.70
C ALA A 120 19.73 30.40 -22.68
N ILE A 121 20.99 30.77 -22.83
CA ILE A 121 21.60 31.75 -21.94
C ILE A 121 20.86 33.09 -22.03
N LYS A 122 20.58 33.53 -23.26
CA LYS A 122 19.99 34.85 -23.45
C LYS A 122 18.48 34.87 -23.19
N THR A 123 17.86 33.73 -22.90
CA THR A 123 16.45 33.72 -22.52
C THR A 123 16.28 34.38 -21.16
N LYS A 124 15.23 35.18 -21.02
CA LYS A 124 14.96 35.86 -19.76
C LYS A 124 14.87 34.83 -18.63
N GLY A 125 15.69 35.01 -17.60
CA GLY A 125 15.72 34.09 -16.48
C GLY A 125 16.60 32.87 -16.67
N VAL A 126 17.18 32.69 -17.87
CA VAL A 126 18.08 31.60 -18.25
C VAL A 126 17.33 30.29 -18.38
N ASP A 127 17.53 29.60 -19.50
CA ASP A 127 16.89 28.30 -19.76
C ASP A 127 17.89 27.20 -19.37
N GLU A 128 17.92 26.87 -18.07
CA GLU A 128 18.85 25.86 -17.59
C GLU A 128 18.56 24.49 -18.15
N VAL A 129 17.29 24.19 -18.44
CA VAL A 129 16.93 22.86 -18.93
C VAL A 129 17.71 22.55 -20.21
N THR A 130 17.72 23.49 -21.15
CA THR A 130 18.41 23.26 -22.41
C THR A 130 19.91 23.17 -22.21
N ILE A 131 20.48 24.04 -21.38
CA ILE A 131 21.93 24.00 -21.12
C ILE A 131 22.34 22.63 -20.59
N VAL A 132 21.55 22.06 -19.70
CA VAL A 132 21.87 20.77 -19.09
C VAL A 132 21.65 19.64 -20.09
N ASN A 133 20.54 19.67 -20.83
N ASN A 133 20.55 19.68 -20.84
CA ASN A 133 20.24 18.60 -21.77
CA ASN A 133 20.24 18.59 -21.77
C ASN A 133 21.35 18.44 -22.81
C ASN A 133 21.32 18.44 -22.83
N ILE A 134 21.91 19.55 -23.26
CA ILE A 134 23.01 19.49 -24.22
C ILE A 134 24.30 19.08 -23.53
N LEU A 135 24.80 19.91 -22.61
CA LEU A 135 26.18 19.75 -22.13
C LEU A 135 26.39 18.42 -21.42
N THR A 136 25.42 17.97 -20.62
CA THR A 136 25.63 16.70 -19.93
C THR A 136 25.39 15.49 -20.84
N ASN A 137 25.00 15.70 -22.11
CA ASN A 137 24.85 14.62 -23.07
C ASN A 137 25.79 14.77 -24.26
N ARG A 138 26.91 15.45 -24.04
CA ARG A 138 28.02 15.50 -24.97
C ARG A 138 29.28 15.02 -24.27
N SER A 139 30.18 14.42 -25.04
CA SER A 139 31.47 14.03 -24.48
C SER A 139 32.31 15.28 -24.20
N ASN A 140 33.33 15.10 -23.35
CA ASN A 140 34.20 16.23 -23.05
C ASN A 140 34.82 16.80 -24.32
N GLU A 141 35.23 15.93 -25.24
CA GLU A 141 35.78 16.38 -26.51
C GLU A 141 34.77 17.19 -27.31
N GLN A 142 33.51 16.77 -27.32
CA GLN A 142 32.49 17.55 -28.03
C GLN A 142 32.26 18.89 -27.35
N ARG A 143 32.31 18.91 -26.01
CA ARG A 143 32.15 20.17 -25.28
C ARG A 143 33.23 21.17 -25.67
N GLN A 144 34.48 20.69 -25.85
CA GLN A 144 35.55 21.58 -26.30
C GLN A 144 35.22 22.17 -27.66
N ASP A 145 34.70 21.36 -28.57
CA ASP A 145 34.30 21.86 -29.89
C ASP A 145 33.17 22.87 -29.79
N ILE A 146 32.18 22.59 -28.95
CA ILE A 146 31.10 23.55 -28.73
C ILE A 146 31.66 24.86 -28.22
N ALA A 147 32.59 24.79 -27.27
CA ALA A 147 33.15 26.00 -26.68
C ALA A 147 33.89 26.84 -27.72
N PHE A 148 34.60 26.17 -28.65
CA PHE A 148 35.26 26.89 -29.72
C PHE A 148 34.25 27.58 -30.63
N ALA A 149 33.20 26.87 -31.04
CA ALA A 149 32.18 27.51 -31.87
C ALA A 149 31.50 28.65 -31.13
N TYR A 150 31.36 28.53 -29.80
CA TYR A 150 30.63 29.56 -29.05
C TYR A 150 31.41 30.86 -29.02
N GLN A 151 32.72 30.78 -28.74
CA GLN A 151 33.54 31.98 -28.69
C GLN A 151 33.53 32.70 -30.02
N ARG A 152 33.57 31.96 -31.14
CA ARG A 152 33.49 32.59 -32.45
C ARG A 152 32.20 33.38 -32.62
N ARG A 153 31.06 32.76 -32.31
CA ARG A 153 29.79 33.40 -32.58
C ARG A 153 29.55 34.61 -31.68
N THR A 154 29.96 34.52 -30.41
CA THR A 154 29.53 35.50 -29.41
C THR A 154 30.63 36.42 -28.93
N LYS A 155 31.89 36.14 -29.26
CA LYS A 155 33.08 36.81 -28.71
C LYS A 155 33.21 36.64 -27.20
N LYS A 156 32.45 35.73 -26.57
CA LYS A 156 32.65 35.35 -25.18
C LYS A 156 33.10 33.91 -25.09
N GLU A 157 33.97 33.62 -24.11
CA GLU A 157 34.26 32.24 -23.77
C GLU A 157 33.00 31.57 -23.25
N LEU A 158 32.77 30.32 -23.64
CA LEU A 158 31.58 29.61 -23.16
C LEU A 158 31.58 29.50 -21.65
N ALA A 159 32.74 29.17 -21.05
CA ALA A 159 32.76 28.96 -19.61
C ALA A 159 32.45 30.27 -18.85
N SER A 160 32.87 31.42 -19.39
CA SER A 160 32.53 32.70 -18.77
C SER A 160 31.04 33.01 -18.90
N ALA A 161 30.46 32.76 -20.07
CA ALA A 161 29.04 33.03 -20.25
C ALA A 161 28.21 32.20 -19.28
N LEU A 162 28.58 30.93 -19.09
CA LEU A 162 27.81 30.08 -18.21
C LEU A 162 28.08 30.40 -16.75
N LYS A 163 29.32 30.80 -16.43
CA LYS A 163 29.61 31.25 -15.06
C LYS A 163 28.71 32.44 -14.67
N SER A 164 28.43 33.34 -15.60
CA SER A 164 27.54 34.46 -15.31
C SER A 164 26.07 34.03 -15.31
N ALA A 165 25.68 33.09 -16.18
CA ALA A 165 24.27 32.76 -16.29
C ALA A 165 23.79 31.81 -15.19
N LEU A 166 24.68 31.05 -14.58
CA LEU A 166 24.32 30.00 -13.64
C LEU A 166 24.81 30.34 -12.24
N SER A 167 24.28 29.63 -11.26
CA SER A 167 24.74 29.74 -9.88
C SER A 167 24.55 28.41 -9.19
N GLY A 168 24.79 28.37 -7.88
CA GLY A 168 24.58 27.20 -7.04
C GLY A 168 25.41 26.00 -7.48
N HIS A 169 24.93 24.81 -7.12
CA HIS A 169 25.68 23.60 -7.47
C HIS A 169 25.60 23.27 -8.95
N LEU A 170 24.54 23.72 -9.64
CA LEU A 170 24.49 23.52 -11.08
C LEU A 170 25.67 24.20 -11.77
N GLU A 171 25.97 25.43 -11.36
CA GLU A 171 27.14 26.11 -11.93
C GLU A 171 28.39 25.28 -11.74
N THR A 172 28.56 24.68 -10.55
CA THR A 172 29.74 23.88 -10.27
C THR A 172 29.83 22.69 -11.21
N VAL A 173 28.71 22.00 -11.45
CA VAL A 173 28.72 20.85 -12.34
C VAL A 173 29.10 21.29 -13.75
N ILE A 174 28.38 22.28 -14.28
CA ILE A 174 28.55 22.67 -15.67
C ILE A 174 29.97 23.17 -15.92
N LEU A 175 30.47 24.03 -15.02
CA LEU A 175 31.84 24.51 -15.19
C LEU A 175 32.85 23.37 -15.07
N GLY A 176 32.60 22.40 -14.19
CA GLY A 176 33.48 21.24 -14.13
C GLY A 176 33.50 20.48 -15.44
N LEU A 177 32.32 20.30 -16.05
CA LEU A 177 32.21 19.57 -17.31
C LEU A 177 32.92 20.27 -18.45
N LEU A 178 33.06 21.59 -18.40
CA LEU A 178 33.67 22.30 -19.52
C LEU A 178 35.19 22.23 -19.53
N LYS A 179 35.81 21.88 -18.42
CA LYS A 179 37.26 21.76 -18.36
C LYS A 179 37.67 20.39 -18.92
N THR A 180 38.89 20.32 -19.48
CA THR A 180 39.44 19.02 -19.81
C THR A 180 39.63 18.21 -18.54
N PRO A 181 39.69 16.88 -18.64
CA PRO A 181 39.93 16.08 -17.42
C PRO A 181 41.14 16.53 -16.64
N ALA A 182 42.26 16.86 -17.31
CA ALA A 182 43.46 17.32 -16.59
C ALA A 182 43.22 18.68 -15.90
N GLN A 183 42.56 19.62 -16.59
CA GLN A 183 42.30 20.91 -15.99
C GLN A 183 41.38 20.77 -14.79
N TYR A 184 40.37 19.90 -14.90
CA TYR A 184 39.42 19.74 -13.80
C TYR A 184 40.12 19.16 -12.57
N ASP A 185 40.88 18.08 -12.76
CA ASP A 185 41.63 17.50 -11.66
C ASP A 185 42.63 18.49 -11.06
N ALA A 186 43.38 19.22 -11.91
CA ALA A 186 44.34 20.20 -11.38
C ALA A 186 43.64 21.26 -10.54
N SER A 187 42.50 21.80 -11.01
CA SER A 187 41.83 22.81 -10.22
C SER A 187 41.22 22.23 -8.94
N GLU A 188 40.76 20.98 -9.00
CA GLU A 188 40.28 20.31 -7.78
C GLU A 188 41.42 20.08 -6.79
N LEU A 189 42.60 19.72 -7.28
CA LEU A 189 43.76 19.59 -6.40
C LEU A 189 44.14 20.94 -5.79
N LYS A 190 44.19 21.99 -6.62
CA LYS A 190 44.52 23.31 -6.09
C LYS A 190 43.54 23.73 -5.01
N ALA A 191 42.25 23.46 -5.23
CA ALA A 191 41.23 23.83 -4.24
C ALA A 191 41.39 23.02 -2.95
N SER A 192 41.86 21.78 -3.04
CA SER A 192 42.02 20.99 -1.83
C SER A 192 43.16 21.50 -0.96
N MET A 193 44.09 22.28 -1.52
CA MET A 193 45.22 22.77 -0.74
C MET A 193 45.19 24.28 -0.49
N LYS A 194 44.42 25.04 -1.27
CA LYS A 194 44.32 26.48 -1.04
C LYS A 194 43.71 26.77 0.33
N GLY A 195 44.24 27.76 1.01
CA GLY A 195 43.75 28.13 2.33
C GLY A 195 44.53 27.46 3.45
N LEU A 196 44.16 27.84 4.67
CA LEU A 196 44.99 27.55 5.85
C LEU A 196 45.20 26.06 6.06
N GLY A 197 44.17 25.26 5.82
CA GLY A 197 44.31 23.84 6.06
C GLY A 197 44.52 23.05 4.78
N THR A 198 44.02 21.82 4.78
CA THR A 198 44.02 20.93 3.64
C THR A 198 42.72 20.18 3.67
N ASP A 199 42.14 19.93 2.50
CA ASP A 199 41.00 19.02 2.40
C ASP A 199 41.62 17.67 2.07
N GLU A 200 41.96 16.90 3.11
CA GLU A 200 42.74 15.68 2.87
C GLU A 200 41.94 14.67 2.06
N ASP A 201 40.64 14.57 2.36
CA ASP A 201 39.80 13.61 1.66
C ASP A 201 39.84 13.82 0.15
N SER A 202 39.72 15.08 -0.30
CA SER A 202 39.76 15.32 -1.74
C SER A 202 41.16 15.09 -2.33
N LEU A 203 42.22 15.56 -1.63
CA LEU A 203 43.58 15.32 -2.09
C LEU A 203 43.85 13.83 -2.24
N ILE A 204 43.50 13.05 -1.23
CA ILE A 204 43.68 11.61 -1.24
C ILE A 204 42.87 10.97 -2.38
N GLU A 205 41.58 11.33 -2.50
CA GLU A 205 40.73 10.73 -3.53
C GLU A 205 41.36 10.85 -4.90
N ILE A 206 41.87 12.03 -5.24
CA ILE A 206 42.40 12.28 -6.58
C ILE A 206 43.77 11.62 -6.75
N ILE A 207 44.67 11.81 -5.78
CA ILE A 207 46.02 11.29 -5.96
C ILE A 207 46.01 9.76 -5.93
N CYS A 208 45.14 9.15 -5.13
CA CYS A 208 45.13 7.69 -5.03
C CYS A 208 44.43 7.01 -6.20
N SER A 209 43.55 7.70 -6.93
CA SER A 209 42.74 7.07 -7.96
C SER A 209 43.16 7.35 -9.40
N ARG A 210 44.01 8.34 -9.63
CA ARG A 210 44.42 8.66 -11.00
C ARG A 210 45.59 7.77 -11.43
N THR A 211 45.61 7.43 -12.72
CA THR A 211 46.62 6.57 -13.33
C THR A 211 47.84 7.38 -13.74
N ASN A 212 48.88 6.72 -14.27
CA ASN A 212 50.09 7.43 -14.70
C ASN A 212 49.78 8.49 -15.73
N GLN A 213 48.99 8.14 -16.74
CA GLN A 213 48.79 9.08 -17.85
C GLN A 213 47.96 10.27 -17.41
N GLU A 214 46.97 10.04 -16.55
CA GLU A 214 46.20 11.13 -15.99
C GLU A 214 47.06 12.05 -15.11
N LEU A 215 47.90 11.46 -14.25
CA LEU A 215 48.72 12.29 -13.35
C LEU A 215 49.77 13.05 -14.12
N GLN A 216 50.31 12.45 -15.18
CA GLN A 216 51.28 13.15 -16.02
C GLN A 216 50.66 14.38 -16.66
N GLU A 217 49.43 14.24 -17.18
CA GLU A 217 48.74 15.39 -17.76
C GLU A 217 48.34 16.40 -16.67
N ILE A 218 47.95 15.91 -15.48
CA ILE A 218 47.63 16.83 -14.38
C ILE A 218 48.85 17.64 -13.99
N ASN A 219 49.99 16.97 -13.81
CA ASN A 219 51.23 17.64 -13.45
C ASN A 219 51.59 18.75 -14.42
N ARG A 220 51.39 18.50 -15.73
CA ARG A 220 51.76 19.49 -16.74
C ARG A 220 50.81 20.68 -16.71
N VAL A 221 49.50 20.40 -16.68
CA VAL A 221 48.50 21.46 -16.78
C VAL A 221 48.48 22.29 -15.50
N TYR A 222 48.69 21.65 -14.34
CA TYR A 222 48.80 22.38 -13.08
C TYR A 222 49.84 23.49 -13.16
N LYS A 223 51.02 23.18 -13.69
CA LYS A 223 52.06 24.19 -13.84
C LYS A 223 51.66 25.29 -14.81
N GLU A 224 50.92 24.95 -15.87
CA GLU A 224 50.48 25.99 -16.80
C GLU A 224 49.43 26.89 -16.18
N MET A 225 48.51 26.31 -15.40
CA MET A 225 47.41 27.07 -14.82
C MET A 225 47.87 27.91 -13.65
N TYR A 226 48.73 27.37 -12.78
CA TYR A 226 49.05 28.00 -11.51
C TYR A 226 50.49 28.47 -11.41
N LYS A 227 51.31 28.29 -12.45
CA LYS A 227 52.68 28.80 -12.51
C LYS A 227 53.55 28.21 -11.42
N THR A 228 53.15 27.09 -10.84
CA THR A 228 53.93 26.39 -9.85
C THR A 228 53.56 24.92 -9.96
N ASP A 229 54.39 24.05 -9.39
CA ASP A 229 54.21 22.62 -9.62
C ASP A 229 53.38 21.99 -8.52
N LEU A 230 52.62 20.95 -8.90
CA LEU A 230 51.79 20.24 -7.94
C LEU A 230 52.64 19.72 -6.77
N GLU A 231 53.81 19.16 -7.06
CA GLU A 231 54.60 18.54 -5.99
C GLU A 231 54.99 19.55 -4.93
N LYS A 232 55.41 20.74 -5.35
CA LYS A 232 55.73 21.78 -4.37
C LYS A 232 54.51 22.13 -3.53
N ASP A 233 53.31 22.16 -4.13
CA ASP A 233 52.11 22.47 -3.35
C ASP A 233 51.79 21.36 -2.36
N ILE A 234 51.96 20.11 -2.76
CA ILE A 234 51.76 18.99 -1.82
C ILE A 234 52.73 19.09 -0.65
N ILE A 235 54.00 19.37 -0.94
CA ILE A 235 55.00 19.46 0.12
C ILE A 235 54.68 20.60 1.07
N SER A 236 54.17 21.71 0.52
CA SER A 236 53.85 22.88 1.35
C SER A 236 52.61 22.67 2.20
N ASP A 237 51.79 21.66 1.89
CA ASP A 237 50.52 21.45 2.60
C ASP A 237 50.48 20.20 3.46
N THR A 238 51.38 19.25 3.27
CA THR A 238 51.39 17.98 3.99
C THR A 238 52.76 17.76 4.61
N SER A 239 52.85 16.80 5.54
CA SER A 239 54.11 16.52 6.20
C SER A 239 54.19 15.03 6.55
N GLY A 240 55.32 14.63 7.12
CA GLY A 240 55.48 13.28 7.62
C GLY A 240 55.41 12.24 6.50
N ASP A 241 55.01 11.02 6.88
CA ASP A 241 54.89 9.96 5.89
C ASP A 241 53.68 10.19 4.97
N PHE A 242 52.66 10.92 5.43
CA PHE A 242 51.56 11.31 4.55
C PHE A 242 52.08 12.05 3.33
N ARG A 243 52.97 13.04 3.55
CA ARG A 243 53.62 13.73 2.44
C ARG A 243 54.37 12.75 1.53
N LYS A 244 55.19 11.87 2.11
CA LYS A 244 55.97 10.92 1.30
C LYS A 244 55.06 10.13 0.37
N LEU A 245 53.97 9.58 0.91
CA LEU A 245 53.06 8.77 0.10
C LEU A 245 52.41 9.59 -1.01
N MET A 246 51.90 10.78 -0.68
CA MET A 246 51.25 11.63 -1.68
C MET A 246 52.23 12.06 -2.76
N VAL A 247 53.44 12.49 -2.36
CA VAL A 247 54.45 12.90 -3.34
C VAL A 247 54.79 11.73 -4.26
N ALA A 248 54.98 10.54 -3.69
CA ALA A 248 55.35 9.40 -4.54
C ALA A 248 54.24 9.07 -5.52
N LEU A 249 52.98 9.04 -5.05
CA LEU A 249 51.87 8.72 -5.94
C LEU A 249 51.74 9.75 -7.06
N ALA A 250 51.85 11.04 -6.71
CA ALA A 250 51.63 12.10 -7.69
C ALA A 250 52.67 12.09 -8.80
N LYS A 251 53.83 11.47 -8.58
CA LYS A 251 54.83 11.42 -9.65
C LYS A 251 54.34 10.62 -10.86
N GLY A 252 53.34 9.76 -10.66
CA GLY A 252 52.78 8.98 -11.75
C GLY A 252 53.80 8.11 -12.45
N ARG A 253 54.62 7.39 -11.69
CA ARG A 253 55.61 6.50 -12.30
C ARG A 253 55.41 5.05 -11.88
N ARG A 254 54.16 4.66 -11.58
CA ARG A 254 53.84 3.27 -11.31
C ARG A 254 54.17 2.40 -12.53
N ALA A 255 54.65 1.19 -12.28
CA ALA A 255 54.88 0.24 -13.35
C ALA A 255 53.57 -0.03 -14.11
N GLU A 256 53.67 -0.04 -15.44
CA GLU A 256 52.53 -0.36 -16.29
C GLU A 256 52.20 -1.85 -16.20
N ASP A 257 50.95 -2.17 -16.51
CA ASP A 257 50.52 -3.56 -16.50
C ASP A 257 51.38 -4.37 -17.48
N GLY A 258 52.11 -5.35 -16.93
CA GLY A 258 52.89 -6.24 -17.76
C GLY A 258 52.08 -7.42 -18.25
N SER A 259 52.64 -8.12 -19.23
CA SER A 259 52.00 -9.33 -19.74
C SER A 259 52.40 -10.55 -18.93
N VAL A 260 53.66 -10.62 -18.51
CA VAL A 260 54.11 -11.69 -17.64
C VAL A 260 53.67 -11.42 -16.21
N ILE A 261 53.07 -12.42 -15.58
CA ILE A 261 52.73 -12.37 -14.16
C ILE A 261 53.97 -12.79 -13.38
N ASP A 262 54.47 -11.91 -12.50
CA ASP A 262 55.71 -12.19 -11.76
C ASP A 262 55.37 -12.83 -10.42
N TYR A 263 55.19 -14.16 -10.42
CA TYR A 263 54.69 -14.84 -9.23
C TYR A 263 55.70 -14.80 -8.08
N GLU A 264 56.99 -14.87 -8.39
CA GLU A 264 58.00 -14.80 -7.35
C GLU A 264 57.98 -13.45 -6.66
N LEU A 265 57.85 -12.36 -7.44
CA LEU A 265 57.78 -11.03 -6.84
C LEU A 265 56.46 -10.83 -6.09
N ILE A 266 55.36 -11.39 -6.59
CA ILE A 266 54.08 -11.34 -5.88
C ILE A 266 54.25 -11.89 -4.46
N ASP A 267 54.86 -13.07 -4.34
CA ASP A 267 55.05 -13.66 -3.02
C ASP A 267 56.01 -12.83 -2.17
N GLN A 268 57.11 -12.34 -2.75
CA GLN A 268 58.06 -11.56 -1.97
C GLN A 268 57.45 -10.25 -1.48
N ASP A 269 56.71 -9.54 -2.34
CA ASP A 269 56.04 -8.31 -1.89
C ASP A 269 55.05 -8.60 -0.77
N ALA A 270 54.28 -9.67 -0.88
CA ALA A 270 53.34 -10.03 0.18
C ALA A 270 54.04 -10.29 1.50
N ARG A 271 55.17 -11.02 1.45
CA ARG A 271 55.97 -11.26 2.65
C ARG A 271 56.53 -9.98 3.21
N ASP A 272 57.01 -9.10 2.32
CA ASP A 272 57.59 -7.84 2.76
C ASP A 272 56.54 -6.94 3.41
N LEU A 273 55.34 -6.89 2.85
CA LEU A 273 54.28 -6.09 3.47
C LEU A 273 53.96 -6.62 4.86
N TYR A 274 53.94 -7.94 5.02
CA TYR A 274 53.71 -8.54 6.33
C TYR A 274 54.88 -8.23 7.26
N ASP A 275 56.10 -8.51 6.83
CA ASP A 275 57.26 -8.31 7.69
C ASP A 275 57.41 -6.85 8.09
N ALA A 276 56.94 -5.93 7.26
CA ALA A 276 57.05 -4.51 7.58
C ALA A 276 55.94 -4.02 8.48
N GLY A 277 54.88 -4.80 8.67
CA GLY A 277 53.71 -4.27 9.34
C GLY A 277 53.29 -5.10 10.53
N VAL A 278 52.28 -5.95 10.32
CA VAL A 278 51.67 -6.74 11.39
C VAL A 278 52.68 -7.61 12.13
N LYS A 279 53.75 -8.06 11.46
CA LYS A 279 54.65 -8.99 12.13
C LYS A 279 55.62 -8.33 13.09
N ARG A 280 55.88 -7.03 12.97
CA ARG A 280 56.91 -6.37 13.76
C ARG A 280 56.30 -5.25 14.59
N LYS A 281 57.05 -4.78 15.57
CA LYS A 281 56.58 -3.63 16.35
C LYS A 281 56.73 -2.37 15.50
N GLY A 282 55.73 -1.49 15.59
CA GLY A 282 55.85 -0.36 14.67
C GLY A 282 55.67 -0.82 13.23
N THR A 283 55.98 0.08 12.31
CA THR A 283 55.81 -0.17 10.89
C THR A 283 57.01 0.36 10.11
N ASP A 284 57.45 -0.40 9.11
CA ASP A 284 58.41 0.09 8.13
C ASP A 284 57.61 0.74 7.00
N VAL A 285 57.31 2.03 7.20
CA VAL A 285 56.40 2.74 6.30
C VAL A 285 57.00 2.95 4.91
N PRO A 286 58.28 3.33 4.77
CA PRO A 286 58.88 3.40 3.41
C PRO A 286 58.75 2.12 2.61
N LYS A 287 58.76 0.95 3.27
CA LYS A 287 58.59 -0.31 2.55
C LYS A 287 57.16 -0.44 2.01
N TRP A 288 56.17 -0.08 2.83
CA TRP A 288 54.78 -0.06 2.37
C TRP A 288 54.61 0.91 1.21
N ILE A 289 55.20 2.09 1.32
CA ILE A 289 55.06 3.11 0.29
C ILE A 289 55.69 2.65 -1.02
N SER A 290 56.91 2.08 -0.95
CA SER A 290 57.58 1.61 -2.16
C SER A 290 56.72 0.59 -2.89
N ILE A 291 56.30 -0.46 -2.17
CA ILE A 291 55.60 -1.56 -2.82
C ILE A 291 54.28 -1.08 -3.40
N MET A 292 53.52 -0.31 -2.63
CA MET A 292 52.19 0.10 -3.05
C MET A 292 52.19 1.26 -4.05
N THR A 293 53.29 1.98 -4.22
CA THR A 293 53.32 2.98 -5.27
C THR A 293 53.98 2.49 -6.53
N GLU A 294 54.92 1.53 -6.45
CA GLU A 294 55.73 1.17 -7.63
C GLU A 294 55.14 0.03 -8.45
N ARG A 295 54.51 -0.96 -7.81
CA ARG A 295 54.08 -2.13 -8.57
C ARG A 295 52.82 -1.81 -9.37
N SER A 296 52.65 -2.52 -10.49
CA SER A 296 51.44 -2.32 -11.28
C SER A 296 50.21 -2.71 -10.47
N VAL A 297 49.06 -2.23 -10.92
CA VAL A 297 47.79 -2.49 -10.22
C VAL A 297 47.45 -3.98 -10.26
N PRO A 298 47.52 -4.68 -11.40
CA PRO A 298 47.19 -6.13 -11.38
C PRO A 298 48.13 -6.95 -10.52
N HIS A 299 49.41 -6.61 -10.51
CA HIS A 299 50.37 -7.24 -9.60
C HIS A 299 49.94 -7.06 -8.15
N LEU A 300 49.59 -5.83 -7.77
CA LEU A 300 49.24 -5.57 -6.38
C LEU A 300 47.94 -6.24 -5.98
N GLN A 301 46.99 -6.39 -6.92
CA GLN A 301 45.79 -7.16 -6.61
C GLN A 301 46.14 -8.58 -6.18
N LYS A 302 47.10 -9.21 -6.89
CA LYS A 302 47.53 -10.55 -6.51
C LYS A 302 48.40 -10.54 -5.27
N VAL A 303 49.22 -9.50 -5.10
CA VAL A 303 49.98 -9.35 -3.85
C VAL A 303 49.04 -9.33 -2.65
N PHE A 304 47.95 -8.57 -2.75
CA PHE A 304 47.06 -8.44 -1.59
C PHE A 304 46.36 -9.76 -1.26
N ASP A 305 46.06 -10.59 -2.27
CA ASP A 305 45.52 -11.91 -1.98
CA ASP A 305 45.52 -11.91 -1.96
C ASP A 305 46.59 -12.82 -1.38
N ARG A 306 47.80 -12.78 -1.94
CA ARG A 306 48.88 -13.59 -1.37
C ARG A 306 49.18 -13.15 0.05
N TYR A 307 49.02 -11.85 0.33
CA TYR A 307 49.23 -11.31 1.68
C TYR A 307 48.39 -12.05 2.71
N LYS A 308 47.15 -12.38 2.38
CA LYS A 308 46.27 -13.11 3.28
C LYS A 308 46.77 -14.51 3.60
N SER A 309 47.69 -15.05 2.79
CA SER A 309 48.25 -16.36 3.11
C SER A 309 49.21 -16.27 4.30
N TYR A 310 49.86 -15.12 4.48
CA TYR A 310 50.81 -14.90 5.57
C TYR A 310 50.21 -14.20 6.78
N SER A 311 49.23 -13.35 6.58
CA SER A 311 48.74 -12.48 7.63
C SER A 311 47.35 -12.90 8.08
N PRO A 312 47.06 -12.89 9.39
CA PRO A 312 45.69 -13.18 9.82
C PRO A 312 44.72 -12.07 9.47
N TYR A 313 45.20 -10.88 9.10
CA TYR A 313 44.31 -9.78 8.71
C TYR A 313 44.60 -9.43 7.27
N ASP A 314 43.55 -9.02 6.54
CA ASP A 314 43.76 -8.63 5.16
C ASP A 314 44.43 -7.26 5.12
N MET A 315 44.64 -6.72 3.91
CA MET A 315 45.48 -5.53 3.81
C MET A 315 44.79 -4.32 4.45
N LEU A 316 43.48 -4.19 4.28
CA LEU A 316 42.76 -3.06 4.86
C LEU A 316 42.75 -3.14 6.39
N GLU A 317 42.47 -4.32 6.94
CA GLU A 317 42.54 -4.52 8.38
CA GLU A 317 42.54 -4.50 8.39
C GLU A 317 43.94 -4.21 8.90
N SER A 318 44.97 -4.69 8.20
CA SER A 318 46.34 -4.44 8.64
C SER A 318 46.63 -2.95 8.69
N ILE A 319 46.15 -2.20 7.70
CA ILE A 319 46.40 -0.75 7.68
C ILE A 319 45.78 -0.10 8.93
N ARG A 320 44.52 -0.42 9.23
CA ARG A 320 43.86 0.18 10.40
C ARG A 320 44.56 -0.17 11.70
N LYS A 321 45.22 -1.33 11.76
CA LYS A 321 45.93 -1.70 12.96
C LYS A 321 47.30 -1.05 13.04
N GLU A 322 47.92 -0.76 11.89
CA GLU A 322 49.31 -0.32 11.90
C GLU A 322 49.46 1.19 12.00
N VAL A 323 48.65 1.97 11.29
CA VAL A 323 48.85 3.40 11.16
C VAL A 323 47.55 4.14 11.45
N LYS A 324 47.66 5.46 11.55
CA LYS A 324 46.54 6.32 11.94
C LYS A 324 46.57 7.60 11.11
N GLY A 325 45.55 8.44 11.31
CA GLY A 325 45.51 9.78 10.78
C GLY A 325 45.48 9.82 9.26
N ASP A 326 46.11 10.87 8.72
CA ASP A 326 46.11 11.07 7.26
C ASP A 326 46.77 9.89 6.57
N LEU A 327 47.87 9.39 7.13
CA LEU A 327 48.59 8.26 6.55
C LEU A 327 47.67 7.06 6.39
N GLU A 328 46.92 6.73 7.44
CA GLU A 328 45.97 5.62 7.39
C GLU A 328 44.89 5.87 6.36
N ASN A 329 44.27 7.05 6.42
CA ASN A 329 43.26 7.41 5.43
C ASN A 329 43.77 7.17 4.01
N ALA A 330 45.01 7.60 3.74
CA ALA A 330 45.54 7.51 2.38
C ALA A 330 45.80 6.05 1.98
N PHE A 331 46.43 5.26 2.85
CA PHE A 331 46.66 3.85 2.53
C PHE A 331 45.35 3.11 2.30
N LEU A 332 44.31 3.42 3.09
CA LEU A 332 43.02 2.74 2.92
C LEU A 332 42.40 3.06 1.57
N ASN A 333 42.41 4.34 1.20
CA ASN A 333 41.88 4.74 -0.10
C ASN A 333 42.70 4.12 -1.23
N LEU A 334 44.04 4.15 -1.10
CA LEU A 334 44.88 3.60 -2.15
C LEU A 334 44.56 2.12 -2.38
N VAL A 335 44.44 1.35 -1.31
CA VAL A 335 44.22 -0.08 -1.46
C VAL A 335 42.87 -0.35 -2.11
N GLN A 336 41.83 0.38 -1.70
CA GLN A 336 40.53 0.24 -2.35
C GLN A 336 40.62 0.54 -3.84
N CYS A 337 41.33 1.61 -4.21
CA CYS A 337 41.47 1.95 -5.63
C CYS A 337 42.14 0.82 -6.39
N ILE A 338 43.12 0.17 -5.75
CA ILE A 338 43.81 -0.93 -6.40
C ILE A 338 42.91 -2.15 -6.49
N GLN A 339 42.19 -2.46 -5.40
CA GLN A 339 41.37 -3.67 -5.37
C GLN A 339 40.19 -3.55 -6.32
N ASN A 340 39.45 -2.42 -6.28
CA ASN A 340 38.22 -2.30 -7.06
C ASN A 340 37.86 -0.82 -7.11
N LYS A 341 38.40 -0.13 -8.11
CA LYS A 341 38.18 1.31 -8.22
C LYS A 341 36.71 1.69 -8.45
N PRO A 342 35.95 1.01 -9.31
CA PRO A 342 34.51 1.34 -9.40
C PRO A 342 33.76 1.20 -8.08
N LEU A 343 34.08 0.18 -7.28
CA LEU A 343 33.43 0.03 -5.98
C LEU A 343 33.91 1.12 -5.02
N TYR A 344 35.17 1.51 -5.13
CA TYR A 344 35.68 2.63 -4.36
C TYR A 344 34.85 3.87 -4.60
N PHE A 345 34.57 4.19 -5.87
CA PHE A 345 33.79 5.39 -6.16
C PHE A 345 32.32 5.21 -5.77
N ALA A 346 31.77 4.00 -5.95
CA ALA A 346 30.41 3.74 -5.50
C ALA A 346 30.27 4.04 -4.00
N ASP A 347 31.26 3.62 -3.20
CA ASP A 347 31.20 3.86 -1.76
C ASP A 347 31.32 5.34 -1.44
N ARG A 348 32.21 6.06 -2.12
CA ARG A 348 32.34 7.50 -1.84
C ARG A 348 31.07 8.25 -2.23
N LEU A 349 30.44 7.84 -3.33
CA LEU A 349 29.15 8.40 -3.72
C LEU A 349 28.11 8.15 -2.63
N TYR A 350 28.02 6.92 -2.15
CA TYR A 350 27.07 6.58 -1.08
C TYR A 350 27.32 7.43 0.15
N ASP A 351 28.58 7.53 0.55
CA ASP A 351 28.92 8.33 1.73
C ASP A 351 28.59 9.81 1.52
N SER A 352 28.69 10.30 0.28
CA SER A 352 28.42 11.70 0.03
C SER A 352 26.93 12.03 0.18
N MET A 353 26.06 11.02 0.12
CA MET A 353 24.62 11.23 0.18
C MET A 353 23.92 10.57 1.34
N LYS A 354 24.54 9.56 1.97
CA LYS A 354 23.78 8.69 2.86
C LYS A 354 23.15 9.47 4.01
N GLY A 355 23.78 10.54 4.47
CA GLY A 355 23.40 11.20 5.71
C GLY A 355 22.67 12.50 5.51
N LYS A 356 22.64 13.31 6.57
CA LYS A 356 22.00 14.62 6.49
C LYS A 356 22.65 15.45 5.39
N GLY A 357 21.81 16.08 4.56
CA GLY A 357 22.38 16.90 3.52
C GLY A 357 23.19 16.07 2.53
N THR A 358 24.12 16.77 1.88
CA THR A 358 24.94 16.20 0.82
C THR A 358 26.35 16.78 0.91
N ARG A 359 27.35 15.93 0.70
CA ARG A 359 28.72 16.38 0.45
C ARG A 359 28.84 16.64 -1.05
N ASP A 360 28.29 17.78 -1.49
CA ASP A 360 28.16 18.03 -2.93
C ASP A 360 29.51 18.09 -3.62
N LYS A 361 30.52 18.67 -2.96
CA LYS A 361 31.85 18.75 -3.56
C LYS A 361 32.30 17.38 -4.05
N VAL A 362 32.09 16.35 -3.24
CA VAL A 362 32.50 14.99 -3.59
C VAL A 362 31.56 14.40 -4.65
N LEU A 363 30.26 14.55 -4.44
CA LEU A 363 29.32 13.96 -5.38
C LEU A 363 29.52 14.54 -6.77
N ILE A 364 29.68 15.86 -6.86
CA ILE A 364 29.92 16.50 -8.17
C ILE A 364 31.22 16.01 -8.79
N ARG A 365 32.31 16.00 -8.01
CA ARG A 365 33.60 15.67 -8.60
C ARG A 365 33.61 14.27 -9.17
N ILE A 366 33.00 13.32 -8.47
CA ILE A 366 32.98 11.95 -8.96
C ILE A 366 32.12 11.85 -10.22
N MET A 367 30.91 12.42 -10.20
CA MET A 367 30.05 12.32 -11.38
C MET A 367 30.67 12.98 -12.60
N VAL A 368 31.33 14.14 -12.42
CA VAL A 368 32.00 14.80 -13.53
C VAL A 368 33.20 13.99 -13.99
N SER A 369 34.06 13.57 -13.05
CA SER A 369 35.34 13.00 -13.45
C SER A 369 35.21 11.55 -13.91
N ARG A 370 34.17 10.83 -13.46
CA ARG A 370 34.07 9.41 -13.84
C ARG A 370 33.03 9.13 -14.92
N SER A 371 32.20 10.12 -15.27
CA SER A 371 31.12 9.93 -16.23
C SER A 371 31.60 9.33 -17.54
N GLU A 372 32.83 9.63 -17.96
CA GLU A 372 33.36 9.10 -19.20
C GLU A 372 34.42 8.04 -18.98
N VAL A 373 34.68 7.65 -17.74
CA VAL A 373 35.72 6.66 -17.50
C VAL A 373 35.10 5.30 -17.23
N ASP A 374 34.42 5.16 -16.09
CA ASP A 374 33.96 3.85 -15.64
C ASP A 374 32.61 3.93 -14.96
N MET A 375 31.72 4.80 -15.45
CA MET A 375 30.45 5.02 -14.75
C MET A 375 29.56 3.78 -14.80
N LEU A 376 29.61 3.00 -15.89
CA LEU A 376 28.84 1.77 -15.96
C LEU A 376 29.21 0.83 -14.81
N LYS A 377 30.51 0.69 -14.54
CA LYS A 377 30.94 -0.20 -13.46
C LYS A 377 30.59 0.38 -12.10
N ILE A 378 30.73 1.70 -11.93
CA ILE A 378 30.31 2.35 -10.69
C ILE A 378 28.85 2.04 -10.41
N ARG A 379 28.00 2.27 -11.40
CA ARG A 379 26.57 2.06 -11.20
C ARG A 379 26.27 0.61 -10.85
N SER A 380 26.99 -0.32 -11.48
CA SER A 380 26.79 -1.75 -11.24
C SER A 380 27.23 -2.13 -9.83
N GLU A 381 28.43 -1.69 -9.42
CA GLU A 381 28.87 -1.96 -8.05
C GLU A 381 27.93 -1.30 -7.06
N PHE A 382 27.46 -0.09 -7.38
CA PHE A 382 26.60 0.63 -6.45
C PHE A 382 25.30 -0.11 -6.21
N LYS A 383 24.63 -0.51 -7.30
CA LYS A 383 23.36 -1.20 -7.18
C LYS A 383 23.51 -2.56 -6.52
N ARG A 384 24.61 -3.27 -6.83
CA ARG A 384 24.86 -4.58 -6.22
C ARG A 384 24.97 -4.47 -4.70
N LYS A 385 25.78 -3.51 -4.22
CA LYS A 385 25.99 -3.36 -2.78
C LYS A 385 24.80 -2.71 -2.07
N TYR A 386 24.26 -1.62 -2.63
CA TYR A 386 23.28 -0.82 -1.90
C TYR A 386 21.85 -1.13 -2.28
N GLY A 387 21.62 -1.92 -3.32
CA GLY A 387 20.29 -2.43 -3.59
C GLY A 387 19.45 -1.53 -4.47
N LYS A 388 19.57 -0.22 -4.30
CA LYS A 388 18.93 0.72 -5.21
C LYS A 388 19.99 1.35 -6.11
N SER A 389 19.53 1.96 -7.19
CA SER A 389 20.44 2.50 -8.17
C SER A 389 21.07 3.78 -7.66
N LEU A 390 22.21 4.12 -8.27
CA LEU A 390 22.82 5.43 -8.02
C LEU A 390 21.86 6.56 -8.37
N TYR A 391 21.20 6.46 -9.54
CA TYR A 391 20.11 7.34 -9.92
C TYR A 391 19.19 7.62 -8.75
N TYR A 392 18.75 6.56 -8.06
CA TYR A 392 17.76 6.70 -6.99
C TYR A 392 18.31 7.54 -5.85
N TYR A 393 19.56 7.31 -5.46
CA TYR A 393 20.15 8.08 -4.37
C TYR A 393 20.34 9.55 -4.76
N ILE A 394 20.82 9.79 -5.98
CA ILE A 394 20.97 11.17 -6.46
C ILE A 394 19.63 11.86 -6.45
N GLN A 395 18.57 11.16 -6.87
CA GLN A 395 17.24 11.75 -6.90
C GLN A 395 16.73 12.11 -5.51
N GLN A 396 17.00 11.27 -4.50
CA GLN A 396 16.54 11.60 -3.16
C GLN A 396 17.33 12.76 -2.54
N ASP A 397 18.59 12.96 -2.95
CA ASP A 397 19.44 13.95 -2.28
C ASP A 397 19.50 15.30 -2.96
N THR A 398 19.16 15.40 -4.24
CA THR A 398 19.32 16.65 -4.96
C THR A 398 18.02 16.95 -5.67
N LYS A 399 17.89 18.20 -6.14
CA LYS A 399 16.66 18.66 -6.76
C LYS A 399 17.00 19.59 -7.91
N GLY A 400 15.98 19.91 -8.71
CA GLY A 400 16.10 20.94 -9.71
C GLY A 400 16.95 20.50 -10.90
N ASP A 401 17.45 21.51 -11.62
CA ASP A 401 18.30 21.25 -12.78
C ASP A 401 19.63 20.62 -12.36
N TYR A 402 20.08 20.91 -11.14
CA TYR A 402 21.27 20.27 -10.58
C TYR A 402 21.08 18.75 -10.49
N GLN A 403 19.94 18.32 -9.93
CA GLN A 403 19.60 16.91 -9.94
C GLN A 403 19.63 16.35 -11.37
N LYS A 404 19.04 17.09 -12.31
CA LYS A 404 18.97 16.62 -13.70
C LYS A 404 20.36 16.45 -14.29
N ALA A 405 21.28 17.38 -14.01
CA ALA A 405 22.62 17.25 -14.57
C ALA A 405 23.32 15.99 -14.04
N LEU A 406 23.20 15.75 -12.74
CA LEU A 406 23.85 14.58 -12.15
C LEU A 406 23.23 13.28 -12.68
N LEU A 407 21.90 13.26 -12.87
CA LEU A 407 21.25 12.06 -13.38
C LEU A 407 21.68 11.75 -14.80
N TYR A 408 21.83 12.77 -15.65
CA TYR A 408 22.35 12.52 -17.00
C TYR A 408 23.79 12.02 -16.95
N LEU A 409 24.61 12.58 -16.04
CA LEU A 409 25.98 12.10 -15.90
C LEU A 409 25.98 10.66 -15.43
N CYS A 410 25.00 10.31 -14.62
CA CYS A 410 24.83 8.93 -14.18
C CYS A 410 24.59 8.01 -15.37
N GLY A 411 23.65 8.36 -16.24
CA GLY A 411 23.39 7.56 -17.42
C GLY A 411 22.43 6.38 -17.22
N GLY A 412 21.32 6.61 -16.55
CA GLY A 412 20.24 5.65 -16.47
C GLY A 412 20.07 5.07 -15.08
N ASP A 413 18.98 4.30 -14.91
CA ASP A 413 18.79 3.58 -13.68
C ASP A 413 19.51 2.24 -13.74
N ASP A 414 19.60 1.58 -12.59
CA ASP A 414 20.45 0.40 -12.41
C ASP A 414 21.89 0.75 -12.79
N GLY B 6 -15.53 14.42 9.51
CA GLY B 6 -14.47 15.09 8.78
C GLY B 6 -13.62 14.16 7.94
N GLU B 7 -12.54 14.69 7.37
CA GLU B 7 -11.67 13.92 6.51
C GLU B 7 -10.54 13.31 7.33
N ARG B 8 -10.30 12.01 7.13
CA ARG B 8 -9.22 11.31 7.81
C ARG B 8 -8.40 10.53 6.81
N THR B 9 -7.13 10.33 7.12
CA THR B 9 -6.21 9.55 6.29
C THR B 9 -5.78 8.33 7.10
N VAL B 10 -6.21 7.15 6.64
CA VAL B 10 -5.89 5.89 7.31
C VAL B 10 -5.02 5.06 6.37
N THR B 11 -3.90 4.58 6.89
CA THR B 11 -3.03 3.70 6.13
C THR B 11 -3.31 2.25 6.54
N ILE B 12 -3.35 1.36 5.54
CA ILE B 12 -3.75 -0.02 5.75
C ILE B 12 -2.75 -0.92 5.05
N ARG B 13 -2.26 -1.93 5.77
CA ARG B 13 -1.33 -2.93 5.24
C ARG B 13 -2.08 -4.17 4.80
N ARG B 14 -1.46 -4.92 3.90
CA ARG B 14 -2.05 -6.15 3.38
C ARG B 14 -1.75 -7.31 4.31
N GLN B 15 -2.80 -8.06 4.66
CA GLN B 15 -2.66 -9.20 5.56
C GLN B 15 -2.00 -10.37 4.84
N THR B 16 -1.51 -11.34 5.63
CA THR B 16 -0.80 -12.49 5.10
C THR B 16 -1.62 -13.22 4.04
N VAL B 17 -2.96 -13.20 4.17
CA VAL B 17 -3.84 -13.87 3.21
C VAL B 17 -3.53 -13.40 1.79
N GLY B 18 -3.30 -12.10 1.63
CA GLY B 18 -3.13 -11.51 0.32
C GLY B 18 -4.20 -10.47 0.05
N GLY B 19 -4.93 -10.10 1.10
CA GLY B 19 -5.98 -9.11 0.98
C GLY B 19 -5.93 -8.12 2.13
N PHE B 20 -6.59 -6.98 1.91
CA PHE B 20 -6.68 -5.95 2.93
C PHE B 20 -7.74 -6.24 3.99
N GLY B 21 -8.38 -7.40 3.92
CA GLY B 21 -9.37 -7.77 4.93
C GLY B 21 -10.53 -6.81 5.03
N LEU B 22 -10.96 -6.25 3.91
CA LEU B 22 -12.10 -5.34 3.89
C LEU B 22 -13.10 -5.83 2.87
N SER B 23 -14.38 -5.57 3.15
CA SER B 23 -15.46 -5.82 2.21
C SER B 23 -15.96 -4.47 1.73
N ILE B 24 -16.00 -4.29 0.42
CA ILE B 24 -16.36 -3.02 -0.20
C ILE B 24 -17.72 -3.16 -0.87
N LYS B 25 -18.54 -2.12 -0.74
CA LYS B 25 -19.84 -2.06 -1.39
C LYS B 25 -20.06 -0.66 -1.93
N GLY B 26 -20.92 -0.57 -2.94
CA GLY B 26 -21.28 0.70 -3.52
C GLY B 26 -20.54 1.00 -4.81
N GLY B 27 -20.46 2.30 -5.11
CA GLY B 27 -19.86 2.77 -6.36
C GLY B 27 -20.80 3.73 -7.07
N ALA B 28 -20.25 4.53 -7.98
CA ALA B 28 -21.07 5.51 -8.70
C ALA B 28 -22.19 4.85 -9.50
N GLU B 29 -22.10 3.54 -9.73
CA GLU B 29 -23.20 2.81 -10.36
C GLU B 29 -24.45 2.79 -9.49
N HIS B 30 -24.32 3.11 -8.20
CA HIS B 30 -25.47 3.23 -7.30
C HIS B 30 -25.62 4.65 -6.75
N ASN B 31 -24.98 5.63 -7.38
CA ASN B 31 -25.03 7.03 -6.97
C ASN B 31 -24.57 7.22 -5.53
N ILE B 32 -23.67 6.35 -5.07
CA ILE B 32 -23.09 6.42 -3.73
C ILE B 32 -21.60 6.16 -3.83
N PRO B 33 -20.82 6.64 -2.86
CA PRO B 33 -19.40 6.28 -2.81
C PRO B 33 -19.24 4.79 -2.51
N VAL B 34 -18.01 4.31 -2.69
CA VAL B 34 -17.66 2.98 -2.22
C VAL B 34 -17.38 3.07 -0.72
N VAL B 35 -18.04 2.22 0.05
CA VAL B 35 -18.03 2.35 1.50
C VAL B 35 -17.58 1.04 2.12
N VAL B 36 -16.88 1.15 3.26
CA VAL B 36 -16.42 -0.01 4.00
C VAL B 36 -17.64 -0.76 4.54
N SER B 37 -17.82 -2.00 4.08
CA SER B 37 -18.91 -2.83 4.55
C SER B 37 -18.50 -3.72 5.72
N LYS B 38 -17.26 -4.15 5.77
CA LYS B 38 -16.77 -5.04 6.82
C LYS B 38 -15.27 -4.82 6.99
N ILE B 39 -14.83 -4.74 8.24
CA ILE B 39 -13.41 -4.70 8.58
C ILE B 39 -13.08 -5.99 9.31
N SER B 40 -12.11 -6.74 8.78
CA SER B 40 -11.69 -7.99 9.41
C SER B 40 -11.24 -7.75 10.85
N LYS B 41 -11.40 -8.78 11.68
CA LYS B 41 -11.01 -8.65 13.09
C LYS B 41 -9.52 -8.47 13.26
N GLU B 42 -8.70 -9.05 12.37
CA GLU B 42 -7.26 -8.78 12.41
C GLU B 42 -6.98 -7.32 12.12
N GLN B 43 -7.70 -6.74 11.15
CA GLN B 43 -7.49 -5.35 10.78
C GLN B 43 -8.09 -4.38 11.79
N ARG B 44 -9.16 -4.77 12.50
CA ARG B 44 -9.68 -3.91 13.55
C ARG B 44 -8.71 -3.78 14.71
N ALA B 45 -8.01 -4.87 15.03
CA ALA B 45 -6.99 -4.81 16.08
C ALA B 45 -5.84 -3.89 15.67
N GLU B 46 -5.41 -3.96 14.42
CA GLU B 46 -4.33 -3.11 13.95
C GLU B 46 -4.77 -1.65 13.83
N LEU B 47 -5.95 -1.42 13.22
CA LEU B 47 -6.37 -0.06 12.89
C LEU B 47 -7.03 0.67 14.05
N SER B 48 -7.41 -0.04 15.12
CA SER B 48 -8.01 0.53 16.33
C SER B 48 -9.16 1.44 15.91
N GLY B 49 -9.22 2.69 16.36
CA GLY B 49 -10.34 3.55 16.01
C GLY B 49 -10.02 4.54 14.91
N LEU B 50 -9.63 4.04 13.75
CA LEU B 50 -9.31 4.87 12.59
C LEU B 50 -10.22 4.63 11.39
N LEU B 51 -10.71 3.41 11.22
CA LEU B 51 -11.60 3.05 10.11
C LEU B 51 -12.91 2.55 10.69
N PHE B 52 -14.02 3.06 10.17
CA PHE B 52 -15.35 2.74 10.67
C PHE B 52 -16.22 2.15 9.57
N ILE B 53 -17.12 1.25 9.97
CA ILE B 53 -18.12 0.74 9.04
C ILE B 53 -18.99 1.90 8.60
N GLY B 54 -19.15 2.05 7.28
CA GLY B 54 -19.83 3.18 6.70
C GLY B 54 -18.91 4.27 6.20
N ASP B 55 -17.61 4.17 6.45
CA ASP B 55 -16.66 5.14 5.90
C ASP B 55 -16.69 5.10 4.38
N ALA B 56 -16.86 6.26 3.77
CA ALA B 56 -16.81 6.40 2.31
C ALA B 56 -15.36 6.55 1.88
N ILE B 57 -14.86 5.61 1.08
CA ILE B 57 -13.51 5.70 0.54
C ILE B 57 -13.47 6.85 -0.46
N LEU B 58 -12.77 7.92 -0.11
CA LEU B 58 -12.70 9.11 -0.96
C LEU B 58 -11.45 9.13 -1.83
N GLN B 59 -10.33 8.61 -1.34
CA GLN B 59 -9.07 8.62 -2.09
C GLN B 59 -8.29 7.35 -1.80
N ILE B 60 -7.60 6.85 -2.83
CA ILE B 60 -6.69 5.72 -2.72
C ILE B 60 -5.34 6.18 -3.26
N ASN B 61 -4.36 6.36 -2.37
CA ASN B 61 -3.03 6.83 -2.73
C ASN B 61 -3.09 8.12 -3.55
N GLY B 62 -3.88 9.08 -3.08
CA GLY B 62 -4.03 10.35 -3.75
C GLY B 62 -4.92 10.36 -4.97
N ILE B 63 -5.44 9.20 -5.38
CA ILE B 63 -6.30 9.11 -6.55
C ILE B 63 -7.75 9.21 -6.11
N ASN B 64 -8.49 10.14 -6.71
CA ASN B 64 -9.87 10.40 -6.31
C ASN B 64 -10.78 9.28 -6.82
N VAL B 65 -11.42 8.56 -5.89
CA VAL B 65 -12.37 7.52 -6.22
C VAL B 65 -13.79 7.88 -5.75
N ARG B 66 -14.03 9.15 -5.42
CA ARG B 66 -15.33 9.58 -4.94
C ARG B 66 -16.44 9.23 -5.93
N LYS B 67 -16.16 9.37 -7.22
CA LYS B 67 -17.12 9.07 -8.28
C LYS B 67 -16.79 7.78 -9.02
N CYS B 68 -15.97 6.92 -8.42
CA CYS B 68 -15.57 5.68 -9.07
C CYS B 68 -16.64 4.62 -8.94
N ARG B 69 -16.65 3.69 -9.89
CA ARG B 69 -17.57 2.56 -9.87
C ARG B 69 -16.93 1.38 -9.14
N HIS B 70 -17.75 0.37 -8.85
CA HIS B 70 -17.34 -0.72 -7.96
C HIS B 70 -16.12 -1.44 -8.48
N GLU B 71 -16.17 -1.91 -9.74
CA GLU B 71 -15.07 -2.72 -10.25
C GLU B 71 -13.80 -1.91 -10.51
N GLU B 72 -13.90 -0.58 -10.58
CA GLU B 72 -12.70 0.25 -10.71
C GLU B 72 -11.93 0.30 -9.39
N VAL B 73 -12.64 0.50 -8.27
CA VAL B 73 -12.00 0.54 -6.96
C VAL B 73 -11.42 -0.83 -6.61
N VAL B 74 -12.09 -1.90 -7.03
CA VAL B 74 -11.56 -3.25 -6.76
C VAL B 74 -10.29 -3.49 -7.57
N GLN B 75 -10.29 -3.08 -8.84
CA GLN B 75 -9.10 -3.20 -9.68
C GLN B 75 -7.91 -2.46 -9.07
N VAL B 76 -8.17 -1.31 -8.45
CA VAL B 76 -7.08 -0.50 -7.90
C VAL B 76 -6.50 -1.15 -6.65
N LEU B 77 -7.38 -1.52 -5.71
CA LEU B 77 -6.90 -2.12 -4.46
C LEU B 77 -6.26 -3.48 -4.69
N ARG B 78 -6.67 -4.19 -5.74
CA ARG B 78 -6.03 -5.45 -6.08
C ARG B 78 -4.61 -5.26 -6.59
N ASN B 79 -4.29 -4.07 -7.11
CA ASN B 79 -2.96 -3.76 -7.61
C ASN B 79 -2.26 -2.69 -6.78
N ALA B 80 -2.66 -2.52 -5.52
CA ALA B 80 -2.15 -1.44 -4.69
C ALA B 80 -0.83 -1.77 -4.00
N GLY B 81 -0.37 -3.02 -4.07
CA GLY B 81 0.86 -3.40 -3.39
C GLY B 81 0.64 -3.87 -1.97
N GLU B 82 1.65 -3.68 -1.11
CA GLU B 82 1.58 -4.18 0.26
C GLU B 82 0.89 -3.22 1.21
N GLU B 83 1.02 -1.92 0.98
CA GLU B 83 0.45 -0.91 1.85
C GLU B 83 -0.28 0.11 1.00
N VAL B 84 -1.49 0.46 1.40
CA VAL B 84 -2.29 1.46 0.71
C VAL B 84 -2.76 2.47 1.76
N THR B 85 -2.92 3.72 1.33
CA THR B 85 -3.35 4.80 2.21
C THR B 85 -4.68 5.34 1.70
N LEU B 86 -5.72 5.18 2.49
CA LEU B 86 -7.07 5.61 2.13
C LEU B 86 -7.43 6.91 2.84
N THR B 87 -8.08 7.81 2.10
CA THR B 87 -8.70 8.99 2.68
C THR B 87 -10.20 8.77 2.75
N VAL B 88 -10.75 8.78 3.96
CA VAL B 88 -12.14 8.39 4.18
C VAL B 88 -12.87 9.45 5.00
N SER B 89 -14.20 9.36 4.96
CA SER B 89 -15.10 10.19 5.76
C SER B 89 -16.38 9.41 6.01
N PHE B 90 -16.91 9.52 7.23
CA PHE B 90 -18.04 8.71 7.66
C PHE B 90 -19.35 9.29 7.11
N LEU B 91 -20.10 8.46 6.39
CA LEU B 91 -21.42 8.86 5.88
C LEU B 91 -22.54 8.29 6.74
N SER B 97 -27.92 -0.73 14.50
CA SER B 97 -29.13 0.03 14.21
C SER B 97 -29.49 0.96 15.36
N ALA B 98 -30.27 2.01 15.06
CA ALA B 98 -30.66 3.00 16.05
C ALA B 98 -31.66 2.45 17.06
N TYR B 99 -32.33 1.34 16.75
CA TYR B 99 -33.38 0.83 17.62
C TYR B 99 -33.00 -0.48 18.30
N GLY B 100 -31.71 -0.78 18.39
CA GLY B 100 -31.28 -1.94 19.16
C GLY B 100 -31.14 -1.62 20.63
N SER B 101 -31.27 -2.65 21.46
CA SER B 101 -31.09 -2.48 22.89
C SER B 101 -29.62 -2.60 23.30
N VAL B 102 -28.84 -3.40 22.57
CA VAL B 102 -27.42 -3.54 22.85
C VAL B 102 -26.66 -2.53 22.01
N LYS B 103 -25.83 -1.73 22.65
CA LYS B 103 -25.01 -0.74 21.98
C LYS B 103 -23.54 -1.09 22.16
N ALA B 104 -22.72 -0.57 21.25
CA ALA B 104 -21.28 -0.74 21.40
C ALA B 104 -20.80 -0.06 22.67
N TYR B 105 -20.02 -0.79 23.47
CA TYR B 105 -19.46 -0.24 24.69
C TYR B 105 -18.46 0.87 24.37
N THR B 106 -18.58 1.99 25.06
CA THR B 106 -17.78 3.17 24.72
C THR B 106 -16.29 2.97 24.94
N ASN B 107 -15.84 2.79 26.18
CA ASN B 107 -14.41 2.66 26.45
C ASN B 107 -13.98 1.19 26.33
N PHE B 108 -14.20 0.65 25.15
CA PHE B 108 -14.01 -0.77 24.90
C PHE B 108 -12.53 -1.13 24.87
N ASP B 109 -12.17 -2.16 25.63
CA ASP B 109 -10.81 -2.68 25.70
C ASP B 109 -10.91 -4.19 25.50
N ALA B 110 -10.69 -4.67 24.26
CA ALA B 110 -10.90 -6.08 23.98
C ALA B 110 -9.93 -6.96 24.74
N GLU B 111 -8.68 -6.52 24.89
CA GLU B 111 -7.69 -7.33 25.59
C GLU B 111 -8.03 -7.46 27.09
N ARG B 112 -8.45 -6.39 27.74
CA ARG B 112 -8.78 -6.52 29.16
C ARG B 112 -10.06 -7.34 29.36
N ASP B 113 -11.05 -7.17 28.48
CA ASP B 113 -12.25 -8.02 28.53
C ASP B 113 -11.90 -9.49 28.35
N ALA B 114 -10.99 -9.80 27.41
CA ALA B 114 -10.57 -11.18 27.21
C ALA B 114 -9.87 -11.73 28.44
N LEU B 115 -9.02 -10.89 29.08
CA LEU B 115 -8.33 -11.32 30.28
C LEU B 115 -9.31 -11.62 31.42
N ASN B 116 -10.32 -10.75 31.59
CA ASN B 116 -11.29 -10.94 32.67
C ASN B 116 -12.18 -12.14 32.40
N ILE B 117 -12.55 -12.35 31.13
CA ILE B 117 -13.33 -13.54 30.79
C ILE B 117 -12.49 -14.80 31.02
N GLU B 118 -11.22 -14.78 30.62
CA GLU B 118 -10.32 -15.90 30.90
C GLU B 118 -10.30 -16.22 32.39
N THR B 119 -10.03 -15.20 33.22
CA THR B 119 -10.05 -15.40 34.67
C THR B 119 -11.39 -15.92 35.14
N ALA B 120 -12.50 -15.41 34.59
CA ALA B 120 -13.80 -15.88 35.02
C ALA B 120 -14.05 -17.31 34.59
N ILE B 121 -13.50 -17.72 33.44
CA ILE B 121 -13.67 -19.10 33.01
C ILE B 121 -12.92 -20.05 33.93
N LYS B 122 -11.74 -19.65 34.39
CA LYS B 122 -10.86 -20.52 35.16
C LYS B 122 -11.05 -20.43 36.66
N THR B 123 -11.93 -19.55 37.13
CA THR B 123 -12.24 -19.54 38.56
C THR B 123 -12.91 -20.86 38.93
N LYS B 124 -12.59 -21.38 40.11
CA LYS B 124 -13.26 -22.56 40.60
C LYS B 124 -14.76 -22.30 40.69
N GLY B 125 -15.56 -23.19 40.09
CA GLY B 125 -17.00 -23.02 40.02
C GLY B 125 -17.49 -22.21 38.84
N VAL B 126 -16.60 -21.50 38.14
CA VAL B 126 -16.87 -20.62 37.00
C VAL B 126 -17.60 -19.36 37.46
N ASP B 127 -17.11 -18.19 37.05
CA ASP B 127 -17.73 -16.91 37.41
C ASP B 127 -18.67 -16.49 36.28
N GLU B 128 -19.86 -17.11 36.26
CA GLU B 128 -20.80 -16.83 35.18
C GLU B 128 -21.23 -15.37 35.18
N VAL B 129 -21.28 -14.75 36.36
CA VAL B 129 -21.78 -13.38 36.47
C VAL B 129 -20.91 -12.43 35.66
N THR B 130 -19.59 -12.55 35.79
CA THR B 130 -18.68 -11.71 35.00
C THR B 130 -18.82 -12.00 33.51
N ILE B 131 -18.94 -13.28 33.15
CA ILE B 131 -19.08 -13.64 31.73
C ILE B 131 -20.32 -12.99 31.13
N VAL B 132 -21.44 -13.05 31.87
CA VAL B 132 -22.68 -12.45 31.38
C VAL B 132 -22.57 -10.93 31.37
N ASN B 133 -22.04 -10.33 32.45
CA ASN B 133 -21.94 -8.88 32.55
C ASN B 133 -21.15 -8.30 31.39
N ILE B 134 -20.10 -8.99 30.97
CA ILE B 134 -19.29 -8.51 29.86
C ILE B 134 -19.99 -8.71 28.53
N LEU B 135 -20.29 -9.97 28.18
CA LEU B 135 -20.67 -10.30 26.82
C LEU B 135 -22.02 -9.71 26.42
N THR B 136 -22.97 -9.60 27.35
CA THR B 136 -24.26 -9.00 26.99
C THR B 136 -24.21 -7.47 26.94
N ASN B 137 -23.11 -6.85 27.39
CA ASN B 137 -22.98 -5.41 27.34
C ASN B 137 -21.90 -4.97 26.35
N ARG B 138 -21.62 -5.81 25.37
CA ARG B 138 -20.77 -5.47 24.24
C ARG B 138 -21.54 -5.79 22.96
N SER B 139 -21.30 -4.99 21.93
CA SER B 139 -21.90 -5.28 20.63
C SER B 139 -21.31 -6.58 20.08
N ASN B 140 -21.97 -7.10 19.04
CA ASN B 140 -21.53 -8.36 18.45
C ASN B 140 -20.13 -8.23 17.86
N GLU B 141 -19.85 -7.11 17.19
CA GLU B 141 -18.51 -6.87 16.68
C GLU B 141 -17.50 -6.83 17.81
N GLN B 142 -17.85 -6.22 18.94
CA GLN B 142 -16.91 -6.19 20.05
C GLN B 142 -16.71 -7.58 20.64
N ARG B 143 -17.74 -8.44 20.63
CA ARG B 143 -17.54 -9.82 21.08
C ARG B 143 -16.55 -10.55 20.19
N GLN B 144 -16.62 -10.29 18.87
CA GLN B 144 -15.65 -10.88 17.95
C GLN B 144 -14.23 -10.42 18.28
N ASP B 145 -14.07 -9.15 18.65
CA ASP B 145 -12.74 -8.68 19.05
C ASP B 145 -12.29 -9.38 20.33
N ILE B 146 -13.20 -9.52 21.32
CA ILE B 146 -12.84 -10.21 22.55
C ILE B 146 -12.40 -11.64 22.27
N ALA B 147 -13.18 -12.35 21.44
CA ALA B 147 -12.84 -13.73 21.07
C ALA B 147 -11.49 -13.78 20.36
N PHE B 148 -11.21 -12.78 19.53
CA PHE B 148 -9.94 -12.73 18.83
C PHE B 148 -8.78 -12.52 19.81
N ALA B 149 -8.95 -11.56 20.75
CA ALA B 149 -7.92 -11.36 21.76
C ALA B 149 -7.73 -12.60 22.60
N TYR B 150 -8.84 -13.25 22.99
CA TYR B 150 -8.77 -14.45 23.83
C TYR B 150 -7.99 -15.56 23.15
N GLN B 151 -8.30 -15.83 21.88
CA GLN B 151 -7.62 -16.93 21.19
C GLN B 151 -6.16 -16.61 20.94
N ARG B 152 -5.84 -15.34 20.69
CA ARG B 152 -4.48 -14.92 20.45
C ARG B 152 -3.60 -15.19 21.66
N ARG B 153 -4.16 -15.03 22.86
CA ARG B 153 -3.42 -15.20 24.11
C ARG B 153 -3.43 -16.63 24.60
N THR B 154 -4.59 -17.28 24.60
CA THR B 154 -4.71 -18.62 25.18
C THR B 154 -4.48 -19.72 24.17
N LYS B 155 -4.41 -19.41 22.88
CA LYS B 155 -4.38 -20.39 21.79
C LYS B 155 -5.59 -21.33 21.85
N LYS B 156 -6.71 -20.83 22.37
CA LYS B 156 -7.94 -21.60 22.52
C LYS B 156 -9.12 -20.73 22.11
N GLU B 157 -10.09 -21.32 21.41
CA GLU B 157 -11.24 -20.56 20.96
C GLU B 157 -12.15 -20.21 22.13
N LEU B 158 -12.64 -18.97 22.14
CA LEU B 158 -13.45 -18.52 23.27
C LEU B 158 -14.75 -19.31 23.37
N ALA B 159 -15.46 -19.48 22.25
CA ALA B 159 -16.74 -20.16 22.29
C ALA B 159 -16.59 -21.59 22.81
N SER B 160 -15.54 -22.29 22.39
CA SER B 160 -15.32 -23.65 22.87
C SER B 160 -15.01 -23.66 24.37
N ALA B 161 -14.24 -22.68 24.87
CA ALA B 161 -13.95 -22.64 26.30
C ALA B 161 -15.22 -22.39 27.10
N LEU B 162 -16.07 -21.48 26.63
CA LEU B 162 -17.33 -21.20 27.30
C LEU B 162 -18.31 -22.36 27.20
N LYS B 163 -18.23 -23.17 26.14
CA LYS B 163 -19.10 -24.33 26.09
C LYS B 163 -18.73 -25.36 27.16
N SER B 164 -17.45 -25.43 27.54
CA SER B 164 -17.05 -26.33 28.63
C SER B 164 -17.48 -25.79 29.98
N ALA B 165 -17.37 -24.48 30.16
CA ALA B 165 -17.59 -23.84 31.46
C ALA B 165 -19.06 -23.61 31.77
N LEU B 166 -19.93 -23.60 30.77
CA LEU B 166 -21.32 -23.23 30.95
C LEU B 166 -22.24 -24.42 30.69
N SER B 167 -23.50 -24.27 31.08
CA SER B 167 -24.49 -25.32 30.84
C SER B 167 -25.88 -24.70 30.81
N GLY B 168 -26.85 -25.52 30.42
CA GLY B 168 -28.22 -25.10 30.42
C GLY B 168 -28.51 -24.03 29.37
N HIS B 169 -29.60 -23.31 29.63
CA HIS B 169 -30.03 -22.27 28.70
C HIS B 169 -29.05 -21.11 28.65
N LEU B 170 -28.31 -20.86 29.74
CA LEU B 170 -27.30 -19.81 29.71
C LEU B 170 -26.24 -20.12 28.65
N GLU B 171 -25.80 -21.37 28.58
CA GLU B 171 -24.86 -21.75 27.52
C GLU B 171 -25.43 -21.41 26.15
N THR B 172 -26.69 -21.77 25.92
CA THR B 172 -27.34 -21.46 24.64
C THR B 172 -27.30 -19.96 24.34
N VAL B 173 -27.57 -19.11 25.34
CA VAL B 173 -27.59 -17.68 25.09
C VAL B 173 -26.19 -17.19 24.73
N ILE B 174 -25.20 -17.55 25.54
CA ILE B 174 -23.86 -17.02 25.39
C ILE B 174 -23.24 -17.50 24.08
N LEU B 175 -23.39 -18.79 23.77
CA LEU B 175 -22.85 -19.28 22.50
C LEU B 175 -23.56 -18.63 21.31
N GLY B 176 -24.87 -18.41 21.43
CA GLY B 176 -25.55 -17.66 20.39
C GLY B 176 -24.96 -16.27 20.20
N LEU B 177 -24.70 -15.57 21.31
CA LEU B 177 -24.18 -14.21 21.23
C LEU B 177 -22.80 -14.17 20.58
N LEU B 178 -22.02 -15.25 20.71
CA LEU B 178 -20.67 -15.29 20.17
C LEU B 178 -20.63 -15.49 18.65
N LYS B 179 -21.74 -15.89 18.04
CA LYS B 179 -21.74 -16.03 16.59
C LYS B 179 -22.06 -14.68 15.95
N THR B 180 -21.58 -14.49 14.72
CA THR B 180 -22.00 -13.32 13.96
C THR B 180 -23.47 -13.49 13.59
N PRO B 181 -24.17 -12.39 13.30
CA PRO B 181 -25.58 -12.52 12.88
C PRO B 181 -25.80 -13.60 11.84
N ALA B 182 -25.00 -13.62 10.76
CA ALA B 182 -25.20 -14.61 9.71
C ALA B 182 -24.86 -16.01 10.17
N GLN B 183 -23.78 -16.19 10.95
CA GLN B 183 -23.47 -17.52 11.47
C GLN B 183 -24.59 -18.03 12.37
N TYR B 184 -25.15 -17.12 13.19
CA TYR B 184 -26.19 -17.53 14.12
C TYR B 184 -27.44 -17.99 13.37
N ASP B 185 -27.89 -17.21 12.38
CA ASP B 185 -29.06 -17.60 11.60
C ASP B 185 -28.79 -18.89 10.81
N ALA B 186 -27.61 -18.98 10.18
CA ALA B 186 -27.28 -20.20 9.44
C ALA B 186 -27.35 -21.43 10.33
N SER B 187 -26.81 -21.35 11.55
CA SER B 187 -26.80 -22.54 12.41
C SER B 187 -28.19 -22.86 12.93
N GLU B 188 -29.00 -21.84 13.22
CA GLU B 188 -30.38 -22.10 13.62
C GLU B 188 -31.18 -22.69 12.47
N LEU B 189 -30.90 -22.25 11.25
CA LEU B 189 -31.52 -22.85 10.07
C LEU B 189 -31.12 -24.32 9.93
N LYS B 190 -29.82 -24.59 9.97
CA LYS B 190 -29.35 -25.97 9.87
C LYS B 190 -29.97 -26.85 10.96
N ALA B 191 -30.17 -26.29 12.16
CA ALA B 191 -30.77 -27.07 13.24
C ALA B 191 -32.27 -27.29 13.01
N SER B 192 -32.94 -26.36 12.34
CA SER B 192 -34.38 -26.54 12.08
C SER B 192 -34.63 -27.63 11.05
N MET B 193 -33.66 -27.92 10.19
CA MET B 193 -33.80 -28.96 9.18
C MET B 193 -33.02 -30.22 9.52
N LYS B 194 -32.09 -30.14 10.46
CA LYS B 194 -31.33 -31.31 10.86
C LYS B 194 -32.26 -32.39 11.41
N GLY B 195 -32.09 -33.61 10.91
CA GLY B 195 -32.80 -34.76 11.43
C GLY B 195 -34.16 -34.97 10.78
N LEU B 196 -34.79 -36.08 11.17
CA LEU B 196 -36.15 -36.39 10.72
C LEU B 196 -37.10 -35.28 11.13
N GLY B 197 -37.99 -34.90 10.21
CA GLY B 197 -38.90 -33.81 10.48
C GLY B 197 -38.22 -32.46 10.40
N THR B 198 -38.98 -31.44 10.78
CA THR B 198 -38.55 -30.07 10.59
C THR B 198 -39.20 -29.19 11.65
N ASP B 199 -38.41 -28.32 12.26
CA ASP B 199 -38.94 -27.25 13.11
C ASP B 199 -39.42 -26.14 12.18
N GLU B 200 -40.67 -26.28 11.73
CA GLU B 200 -41.20 -25.33 10.75
C GLU B 200 -41.30 -23.93 11.35
N ASP B 201 -41.66 -23.83 12.64
CA ASP B 201 -41.76 -22.52 13.27
C ASP B 201 -40.44 -21.76 13.16
N SER B 202 -39.33 -22.43 13.47
CA SER B 202 -38.03 -21.78 13.42
C SER B 202 -37.64 -21.42 12.00
N LEU B 203 -37.78 -22.37 11.08
CA LEU B 203 -37.47 -22.11 9.68
C LEU B 203 -38.28 -20.93 9.16
N ILE B 204 -39.58 -20.93 9.43
CA ILE B 204 -40.46 -19.85 8.99
C ILE B 204 -40.06 -18.52 9.64
N GLU B 205 -39.80 -18.52 10.94
CA GLU B 205 -39.46 -17.27 11.63
C GLU B 205 -38.28 -16.59 10.97
N ILE B 206 -37.23 -17.36 10.65
CA ILE B 206 -36.00 -16.78 10.13
C ILE B 206 -36.16 -16.37 8.68
N ILE B 207 -36.72 -17.26 7.85
CA ILE B 207 -36.82 -16.97 6.43
C ILE B 207 -37.84 -15.86 6.16
N CYS B 208 -38.90 -15.79 6.97
CA CYS B 208 -39.91 -14.78 6.72
C CYS B 208 -39.52 -13.40 7.20
N SER B 209 -38.58 -13.30 8.14
CA SER B 209 -38.29 -12.02 8.79
C SER B 209 -36.97 -11.39 8.38
N ARG B 210 -36.09 -12.10 7.67
CA ARG B 210 -34.80 -11.56 7.31
C ARG B 210 -34.89 -10.80 5.99
N THR B 211 -34.11 -9.72 5.89
CA THR B 211 -34.12 -8.85 4.73
C THR B 211 -33.23 -9.44 3.63
N ASN B 212 -33.26 -8.79 2.46
CA ASN B 212 -32.43 -9.23 1.35
C ASN B 212 -30.96 -9.27 1.75
N GLN B 213 -30.46 -8.20 2.39
CA GLN B 213 -29.06 -8.15 2.76
C GLN B 213 -28.73 -9.24 3.78
N GLU B 214 -29.61 -9.45 4.77
CA GLU B 214 -29.34 -10.46 5.79
C GLU B 214 -29.36 -11.87 5.19
N LEU B 215 -30.29 -12.13 4.27
CA LEU B 215 -30.42 -13.45 3.69
C LEU B 215 -29.26 -13.78 2.76
N GLN B 216 -28.76 -12.79 2.03
CA GLN B 216 -27.67 -13.05 1.10
C GLN B 216 -26.39 -13.39 1.85
N GLU B 217 -26.16 -12.74 3.00
CA GLU B 217 -25.03 -13.09 3.85
C GLU B 217 -25.25 -14.45 4.49
N ILE B 218 -26.50 -14.75 4.88
CA ILE B 218 -26.83 -16.08 5.42
C ILE B 218 -26.54 -17.16 4.37
N ASN B 219 -26.93 -16.91 3.12
CA ASN B 219 -26.67 -17.87 2.06
C ASN B 219 -25.17 -18.12 1.90
N ARG B 220 -24.37 -17.05 1.92
CA ARG B 220 -22.92 -17.21 1.79
C ARG B 220 -22.34 -17.99 2.96
N VAL B 221 -22.71 -17.61 4.19
CA VAL B 221 -22.12 -18.21 5.38
C VAL B 221 -22.59 -19.65 5.57
N TYR B 222 -23.87 -19.92 5.29
CA TYR B 222 -24.38 -21.27 5.39
C TYR B 222 -23.61 -22.22 4.49
N LYS B 223 -23.26 -21.76 3.29
CA LYS B 223 -22.46 -22.57 2.37
C LYS B 223 -21.07 -22.84 2.93
N GLU B 224 -20.41 -21.79 3.45
CA GLU B 224 -19.06 -21.95 3.99
C GLU B 224 -19.05 -22.86 5.21
N MET B 225 -20.11 -22.85 6.01
CA MET B 225 -20.14 -23.64 7.23
C MET B 225 -20.49 -25.10 6.98
N TYR B 226 -21.52 -25.35 6.16
CA TYR B 226 -22.07 -26.69 6.01
C TYR B 226 -21.79 -27.30 4.64
N LYS B 227 -21.02 -26.62 3.79
CA LYS B 227 -20.58 -27.10 2.48
C LYS B 227 -21.74 -27.44 1.56
N THR B 228 -22.98 -27.14 1.94
CA THR B 228 -24.15 -27.29 1.09
C THR B 228 -24.83 -25.94 0.95
N ASP B 229 -25.63 -25.80 -0.10
CA ASP B 229 -26.43 -24.61 -0.27
C ASP B 229 -27.68 -24.69 0.58
N LEU B 230 -28.05 -23.56 1.19
CA LEU B 230 -29.26 -23.53 2.02
C LEU B 230 -30.48 -23.96 1.24
N GLU B 231 -30.58 -23.52 -0.02
CA GLU B 231 -31.74 -23.88 -0.84
C GLU B 231 -31.87 -25.38 -0.99
N LYS B 232 -30.74 -26.10 -1.14
CA LYS B 232 -30.81 -27.54 -1.32
C LYS B 232 -31.31 -28.23 -0.06
N ASP B 233 -30.89 -27.76 1.12
CA ASP B 233 -31.41 -28.34 2.37
C ASP B 233 -32.89 -28.02 2.58
N ILE B 234 -33.33 -26.84 2.12
CA ILE B 234 -34.75 -26.51 2.19
C ILE B 234 -35.55 -27.44 1.26
N ILE B 235 -35.09 -27.61 0.03
CA ILE B 235 -35.77 -28.48 -0.92
C ILE B 235 -35.82 -29.91 -0.38
N SER B 236 -34.76 -30.34 0.30
CA SER B 236 -34.71 -31.70 0.81
C SER B 236 -35.65 -31.91 1.99
N ASP B 237 -35.88 -30.86 2.79
CA ASP B 237 -36.65 -31.00 4.02
C ASP B 237 -38.07 -30.46 3.94
N THR B 238 -38.46 -29.90 2.79
CA THR B 238 -39.79 -29.32 2.64
C THR B 238 -40.44 -29.85 1.37
N SER B 239 -41.75 -29.62 1.25
CA SER B 239 -42.47 -30.12 0.09
C SER B 239 -43.68 -29.24 -0.17
N GLY B 240 -44.19 -29.32 -1.40
CA GLY B 240 -45.42 -28.65 -1.76
C GLY B 240 -45.24 -27.15 -1.99
N ASP B 241 -46.32 -26.41 -1.80
CA ASP B 241 -46.28 -24.95 -1.88
C ASP B 241 -45.49 -24.34 -0.74
N PHE B 242 -45.35 -25.07 0.38
CA PHE B 242 -44.50 -24.59 1.46
C PHE B 242 -43.05 -24.47 1.00
N ARG B 243 -42.56 -25.48 0.28
CA ARG B 243 -41.22 -25.41 -0.30
C ARG B 243 -41.10 -24.24 -1.26
N LYS B 244 -42.08 -24.10 -2.16
CA LYS B 244 -42.05 -23.01 -3.14
C LYS B 244 -41.89 -21.67 -2.44
N LEU B 245 -42.68 -21.44 -1.41
CA LEU B 245 -42.64 -20.16 -0.70
C LEU B 245 -41.29 -19.97 0.01
N MET B 246 -40.83 -21.00 0.73
CA MET B 246 -39.58 -20.88 1.48
C MET B 246 -38.40 -20.68 0.55
N VAL B 247 -38.35 -21.41 -0.56
CA VAL B 247 -37.25 -21.27 -1.51
C VAL B 247 -37.22 -19.87 -2.10
N ALA B 248 -38.38 -19.36 -2.50
CA ALA B 248 -38.43 -18.02 -3.10
C ALA B 248 -38.00 -16.96 -2.10
N LEU B 249 -38.42 -17.10 -0.84
CA LEU B 249 -38.07 -16.09 0.16
C LEU B 249 -36.58 -16.14 0.49
N ALA B 250 -36.03 -17.35 0.64
CA ALA B 250 -34.63 -17.49 1.05
C ALA B 250 -33.67 -16.97 0.00
N LYS B 251 -34.13 -16.77 -1.24
CA LYS B 251 -33.26 -16.20 -2.26
C LYS B 251 -32.83 -14.77 -1.94
N GLY B 252 -33.59 -14.07 -1.11
CA GLY B 252 -33.23 -12.70 -0.76
C GLY B 252 -33.14 -11.78 -1.96
N ARG B 253 -34.11 -11.89 -2.87
CA ARG B 253 -34.13 -11.08 -4.09
C ARG B 253 -35.42 -10.29 -4.20
N ARG B 254 -36.04 -9.94 -3.07
CA ARG B 254 -37.17 -9.04 -3.08
C ARG B 254 -36.78 -7.70 -3.71
N ALA B 255 -37.71 -7.12 -4.46
CA ALA B 255 -37.48 -5.78 -4.99
C ALA B 255 -37.19 -4.79 -3.86
N GLU B 256 -36.15 -3.99 -4.04
CA GLU B 256 -35.85 -2.94 -3.07
C GLU B 256 -36.88 -1.83 -3.17
N ASP B 257 -37.03 -1.07 -2.09
CA ASP B 257 -38.02 0.00 -2.09
C ASP B 257 -37.60 1.09 -3.07
N GLY B 258 -38.41 1.29 -4.10
CA GLY B 258 -38.21 2.39 -5.01
C GLY B 258 -38.53 3.72 -4.35
N SER B 259 -38.27 4.79 -5.09
CA SER B 259 -38.61 6.12 -4.59
C SER B 259 -40.08 6.43 -4.83
N VAL B 260 -40.56 6.21 -6.05
CA VAL B 260 -41.93 6.54 -6.40
C VAL B 260 -42.86 5.42 -5.97
N ILE B 261 -43.97 5.78 -5.34
CA ILE B 261 -45.01 4.84 -4.99
C ILE B 261 -45.80 4.51 -6.25
N ASP B 262 -45.96 3.22 -6.54
CA ASP B 262 -46.68 2.75 -7.73
C ASP B 262 -48.12 2.43 -7.33
N TYR B 263 -48.94 3.48 -7.29
CA TYR B 263 -50.32 3.30 -6.83
C TYR B 263 -51.13 2.40 -7.75
N GLU B 264 -50.88 2.45 -9.05
CA GLU B 264 -51.60 1.57 -9.95
C GLU B 264 -51.29 0.10 -9.65
N LEU B 265 -50.00 -0.22 -9.46
CA LEU B 265 -49.62 -1.60 -9.17
C LEU B 265 -50.14 -2.03 -7.80
N ILE B 266 -50.14 -1.12 -6.83
CA ILE B 266 -50.70 -1.43 -5.52
C ILE B 266 -52.14 -1.90 -5.65
N ASP B 267 -52.94 -1.19 -6.45
CA ASP B 267 -54.32 -1.60 -6.66
C ASP B 267 -54.40 -2.93 -7.41
N GLN B 268 -53.59 -3.08 -8.47
CA GLN B 268 -53.63 -4.33 -9.24
C GLN B 268 -53.20 -5.51 -8.39
N ASP B 269 -52.11 -5.36 -7.62
CA ASP B 269 -51.71 -6.42 -6.71
C ASP B 269 -52.81 -6.73 -5.70
N ALA B 270 -53.54 -5.71 -5.24
CA ALA B 270 -54.61 -5.94 -4.29
C ALA B 270 -55.73 -6.78 -4.91
N ARG B 271 -56.10 -6.47 -6.16
CA ARG B 271 -57.12 -7.23 -6.86
C ARG B 271 -56.67 -8.66 -7.12
N ASP B 272 -55.42 -8.84 -7.56
CA ASP B 272 -54.94 -10.18 -7.89
C ASP B 272 -54.91 -11.08 -6.67
N LEU B 273 -54.63 -10.52 -5.49
CA LEU B 273 -54.66 -11.31 -4.27
C LEU B 273 -56.08 -11.70 -3.89
N TYR B 274 -57.03 -10.78 -4.09
CA TYR B 274 -58.44 -11.09 -3.86
C TYR B 274 -58.93 -12.15 -4.84
N ASP B 275 -58.66 -11.95 -6.13
CA ASP B 275 -59.12 -12.85 -7.18
C ASP B 275 -58.41 -14.20 -7.16
N ALA B 276 -57.28 -14.33 -6.44
CA ALA B 276 -56.59 -15.60 -6.35
C ALA B 276 -56.98 -16.41 -5.12
N GLY B 277 -57.69 -15.82 -4.16
CA GLY B 277 -58.06 -16.53 -2.96
C GLY B 277 -59.53 -16.41 -2.62
N VAL B 278 -59.89 -15.35 -1.89
CA VAL B 278 -61.23 -15.24 -1.29
C VAL B 278 -62.32 -15.25 -2.35
N LYS B 279 -62.12 -14.50 -3.45
CA LYS B 279 -63.21 -14.32 -4.41
C LYS B 279 -63.54 -15.62 -5.12
N ARG B 280 -62.56 -16.47 -5.37
CA ARG B 280 -62.79 -17.75 -6.00
C ARG B 280 -62.86 -18.85 -4.95
N LYS B 281 -62.97 -20.09 -5.41
CA LYS B 281 -62.90 -21.26 -4.55
C LYS B 281 -61.59 -21.98 -4.81
N GLY B 282 -61.02 -22.55 -3.77
CA GLY B 282 -59.62 -22.92 -3.88
C GLY B 282 -58.76 -21.67 -3.86
N THR B 283 -57.47 -21.90 -4.11
CA THR B 283 -56.51 -20.81 -4.02
C THR B 283 -55.46 -20.94 -5.12
N ASP B 284 -55.17 -19.83 -5.79
CA ASP B 284 -54.05 -19.74 -6.73
C ASP B 284 -52.81 -19.38 -5.92
N VAL B 285 -52.24 -20.41 -5.28
CA VAL B 285 -51.09 -20.20 -4.40
C VAL B 285 -49.92 -19.54 -5.13
N PRO B 286 -49.52 -19.96 -6.34
CA PRO B 286 -48.38 -19.28 -6.99
C PRO B 286 -48.58 -17.79 -7.19
N LYS B 287 -49.82 -17.33 -7.35
CA LYS B 287 -50.07 -15.89 -7.43
C LYS B 287 -49.78 -15.22 -6.09
N TRP B 288 -50.21 -15.85 -5.00
CA TRP B 288 -49.92 -15.32 -3.67
C TRP B 288 -48.41 -15.28 -3.41
N ILE B 289 -47.70 -16.35 -3.79
CA ILE B 289 -46.26 -16.42 -3.58
C ILE B 289 -45.54 -15.34 -4.37
N SER B 290 -45.90 -15.18 -5.64
CA SER B 290 -45.21 -14.21 -6.50
C SER B 290 -45.33 -12.81 -5.95
N ILE B 291 -46.55 -12.39 -5.57
CA ILE B 291 -46.77 -11.02 -5.15
C ILE B 291 -46.10 -10.76 -3.81
N MET B 292 -46.22 -11.71 -2.88
CA MET B 292 -45.76 -11.47 -1.52
C MET B 292 -44.25 -11.66 -1.35
N THR B 293 -43.58 -12.31 -2.31
CA THR B 293 -42.13 -12.48 -2.26
C THR B 293 -41.36 -11.46 -3.07
N GLU B 294 -41.96 -10.92 -4.15
CA GLU B 294 -41.23 -10.08 -5.09
C GLU B 294 -41.37 -8.59 -4.83
N ARG B 295 -42.54 -8.11 -4.42
CA ARG B 295 -42.76 -6.69 -4.21
C ARG B 295 -42.04 -6.19 -2.95
N SER B 296 -41.63 -4.93 -2.97
CA SER B 296 -40.95 -4.37 -1.80
C SER B 296 -41.89 -4.38 -0.59
N VAL B 297 -41.28 -4.36 0.59
CA VAL B 297 -42.05 -4.34 1.84
C VAL B 297 -42.96 -3.12 1.92
N PRO B 298 -42.49 -1.89 1.63
CA PRO B 298 -43.43 -0.75 1.70
C PRO B 298 -44.55 -0.83 0.69
N HIS B 299 -44.28 -1.39 -0.49
CA HIS B 299 -45.34 -1.59 -1.48
C HIS B 299 -46.38 -2.58 -0.96
N LEU B 300 -45.94 -3.69 -0.35
CA LEU B 300 -46.91 -4.67 0.15
C LEU B 300 -47.70 -4.14 1.34
N GLN B 301 -47.13 -3.21 2.12
CA GLN B 301 -47.89 -2.62 3.22
C GLN B 301 -49.11 -1.87 2.70
N LYS B 302 -48.94 -1.13 1.60
CA LYS B 302 -50.07 -0.44 0.99
C LYS B 302 -50.98 -1.40 0.23
N VAL B 303 -50.44 -2.49 -0.31
CA VAL B 303 -51.27 -3.49 -0.97
C VAL B 303 -52.24 -4.12 0.03
N PHE B 304 -51.74 -4.42 1.22
CA PHE B 304 -52.58 -5.06 2.23
C PHE B 304 -53.66 -4.13 2.74
N ASP B 305 -53.42 -2.81 2.77
CA ASP B 305 -54.48 -1.87 3.10
CA ASP B 305 -54.50 -1.88 3.10
C ASP B 305 -55.44 -1.69 1.93
N ARG B 306 -54.92 -1.71 0.70
CA ARG B 306 -55.82 -1.58 -0.45
C ARG B 306 -56.67 -2.83 -0.61
N TYR B 307 -56.08 -4.00 -0.34
CA TYR B 307 -56.83 -5.25 -0.36
C TYR B 307 -58.08 -5.20 0.51
N LYS B 308 -58.05 -4.43 1.60
CA LYS B 308 -59.19 -4.34 2.48
C LYS B 308 -60.34 -3.57 1.85
N SER B 309 -60.08 -2.82 0.78
CA SER B 309 -61.15 -2.15 0.04
C SER B 309 -61.96 -3.12 -0.81
N TYR B 310 -61.38 -4.27 -1.17
CA TYR B 310 -62.06 -5.25 -2.01
C TYR B 310 -62.59 -6.44 -1.23
N SER B 311 -61.85 -6.90 -0.22
CA SER B 311 -62.14 -8.12 0.52
C SER B 311 -62.85 -7.81 1.83
N PRO B 312 -63.88 -8.57 2.16
CA PRO B 312 -64.51 -8.41 3.48
C PRO B 312 -63.59 -8.82 4.63
N TYR B 313 -62.54 -9.59 4.37
CA TYR B 313 -61.59 -9.98 5.40
C TYR B 313 -60.20 -9.44 5.07
N ASP B 314 -59.41 -9.16 6.09
CA ASP B 314 -58.08 -8.62 5.85
C ASP B 314 -57.15 -9.75 5.40
N MET B 315 -55.89 -9.40 5.16
CA MET B 315 -54.97 -10.38 4.57
C MET B 315 -54.76 -11.57 5.50
N LEU B 316 -54.65 -11.32 6.80
CA LEU B 316 -54.43 -12.42 7.74
C LEU B 316 -55.66 -13.29 7.87
N GLU B 317 -56.85 -12.69 8.01
CA GLU B 317 -58.07 -13.47 8.05
CA GLU B 317 -58.07 -13.50 8.05
C GLU B 317 -58.26 -14.29 6.76
N SER B 318 -57.90 -13.70 5.62
CA SER B 318 -58.04 -14.40 4.34
C SER B 318 -57.16 -15.65 4.32
N ILE B 319 -55.92 -15.53 4.79
CA ILE B 319 -55.00 -16.66 4.79
C ILE B 319 -55.57 -17.82 5.60
N ARG B 320 -56.13 -17.53 6.78
CA ARG B 320 -56.69 -18.58 7.62
C ARG B 320 -57.85 -19.30 6.94
N LYS B 321 -58.60 -18.60 6.07
CA LYS B 321 -59.71 -19.26 5.40
C LYS B 321 -59.25 -20.02 4.16
N GLU B 322 -58.16 -19.59 3.55
CA GLU B 322 -57.75 -20.13 2.25
C GLU B 322 -56.84 -21.34 2.38
N VAL B 323 -55.85 -21.29 3.27
CA VAL B 323 -54.85 -22.35 3.36
C VAL B 323 -54.76 -22.86 4.79
N LYS B 324 -54.09 -23.99 4.94
CA LYS B 324 -53.92 -24.65 6.23
C LYS B 324 -52.48 -25.13 6.34
N GLY B 325 -52.16 -25.77 7.46
CA GLY B 325 -50.88 -26.44 7.60
C GLY B 325 -49.69 -25.49 7.63
N ASP B 326 -48.56 -26.00 7.12
CA ASP B 326 -47.32 -25.21 7.12
C ASP B 326 -47.45 -23.99 6.23
N LEU B 327 -48.04 -24.15 5.04
CA LEU B 327 -48.20 -23.03 4.11
C LEU B 327 -48.96 -21.88 4.78
N GLU B 328 -50.04 -22.20 5.50
CA GLU B 328 -50.76 -21.16 6.24
C GLU B 328 -49.87 -20.50 7.27
N ASN B 329 -49.12 -21.31 8.04
CA ASN B 329 -48.21 -20.76 9.03
C ASN B 329 -47.20 -19.81 8.37
N ALA B 330 -46.64 -20.23 7.24
CA ALA B 330 -45.69 -19.39 6.52
C ALA B 330 -46.31 -18.06 6.13
N PHE B 331 -47.49 -18.10 5.47
CA PHE B 331 -48.10 -16.84 5.02
C PHE B 331 -48.42 -15.93 6.20
N LEU B 332 -48.95 -16.50 7.29
CA LEU B 332 -49.29 -15.66 8.44
C LEU B 332 -48.05 -14.96 8.99
N ASN B 333 -46.93 -15.66 9.10
CA ASN B 333 -45.71 -15.03 9.58
C ASN B 333 -45.21 -13.98 8.60
N LEU B 334 -45.27 -14.28 7.30
CA LEU B 334 -44.74 -13.35 6.30
C LEU B 334 -45.49 -12.03 6.31
N VAL B 335 -46.83 -12.09 6.35
CA VAL B 335 -47.62 -10.87 6.33
C VAL B 335 -47.41 -10.06 7.60
N GLN B 336 -47.36 -10.73 8.76
CA GLN B 336 -47.03 -10.03 9.99
C GLN B 336 -45.68 -9.33 9.88
N CYS B 337 -44.67 -10.00 9.30
CA CYS B 337 -43.35 -9.37 9.18
C CYS B 337 -43.36 -8.20 8.23
N ILE B 338 -44.19 -8.26 7.19
CA ILE B 338 -44.32 -7.11 6.30
C ILE B 338 -45.04 -5.98 7.01
N GLN B 339 -46.17 -6.27 7.66
CA GLN B 339 -47.02 -5.23 8.24
C GLN B 339 -46.35 -4.53 9.42
N ASN B 340 -45.76 -5.29 10.34
CA ASN B 340 -45.17 -4.70 11.54
C ASN B 340 -44.25 -5.77 12.17
N LYS B 341 -42.99 -5.76 11.75
CA LYS B 341 -42.04 -6.78 12.22
C LYS B 341 -41.77 -6.68 13.72
N PRO B 342 -41.59 -5.50 14.32
CA PRO B 342 -41.43 -5.46 15.78
C PRO B 342 -42.63 -6.03 16.53
N LEU B 343 -43.85 -5.73 16.09
CA LEU B 343 -45.02 -6.34 16.70
C LEU B 343 -45.03 -7.84 16.48
N TYR B 344 -44.61 -8.28 15.30
CA TYR B 344 -44.43 -9.71 15.05
C TYR B 344 -43.55 -10.36 16.11
N PHE B 345 -42.35 -9.83 16.31
CA PHE B 345 -41.48 -10.42 17.33
C PHE B 345 -42.05 -10.27 18.73
N ALA B 346 -42.75 -9.17 19.02
CA ALA B 346 -43.35 -9.04 20.34
C ALA B 346 -44.38 -10.13 20.60
N ASP B 347 -45.16 -10.48 19.57
CA ASP B 347 -46.16 -11.54 19.72
C ASP B 347 -45.49 -12.91 19.87
N ARG B 348 -44.39 -13.15 19.16
CA ARG B 348 -43.70 -14.42 19.33
C ARG B 348 -43.07 -14.53 20.71
N LEU B 349 -42.53 -13.43 21.23
CA LEU B 349 -42.02 -13.45 22.60
C LEU B 349 -43.14 -13.76 23.58
N TYR B 350 -44.29 -13.08 23.42
CA TYR B 350 -45.41 -13.34 24.31
C TYR B 350 -45.83 -14.80 24.26
N ASP B 351 -45.98 -15.35 23.05
CA ASP B 351 -46.33 -16.77 22.90
C ASP B 351 -45.31 -17.67 23.58
N SER B 352 -44.02 -17.34 23.48
CA SER B 352 -43.00 -18.21 24.03
C SER B 352 -43.04 -18.28 25.55
N MET B 353 -43.72 -17.34 26.21
CA MET B 353 -43.74 -17.29 27.66
C MET B 353 -45.14 -17.32 28.28
N LYS B 354 -46.20 -17.05 27.50
CA LYS B 354 -47.51 -16.80 28.11
C LYS B 354 -48.00 -17.99 28.93
N GLY B 355 -47.73 -19.21 28.47
CA GLY B 355 -48.33 -20.42 29.03
C GLY B 355 -47.38 -21.20 29.91
N LYS B 356 -47.63 -22.51 30.00
CA LYS B 356 -46.86 -23.36 30.89
C LYS B 356 -45.42 -23.46 30.39
N GLY B 357 -44.46 -23.41 31.31
CA GLY B 357 -43.06 -23.40 30.93
C GLY B 357 -42.73 -22.25 29.99
N THR B 358 -41.75 -22.50 29.13
CA THR B 358 -41.17 -21.51 28.23
C THR B 358 -40.69 -22.20 26.96
N ARG B 359 -40.97 -21.60 25.81
CA ARG B 359 -40.33 -22.01 24.56
C ARG B 359 -38.98 -21.31 24.47
N ASP B 360 -38.00 -21.85 25.21
CA ASP B 360 -36.71 -21.17 25.38
C ASP B 360 -35.99 -21.01 24.05
N LYS B 361 -36.08 -22.00 23.17
CA LYS B 361 -35.47 -21.89 21.85
C LYS B 361 -35.91 -20.61 21.14
N VAL B 362 -37.21 -20.31 21.16
CA VAL B 362 -37.72 -19.12 20.48
C VAL B 362 -37.31 -17.86 21.25
N LEU B 363 -37.53 -17.86 22.57
CA LEU B 363 -37.20 -16.70 23.38
C LEU B 363 -35.73 -16.32 23.21
N ILE B 364 -34.83 -17.30 23.28
CA ILE B 364 -33.40 -17.00 23.20
C ILE B 364 -33.05 -16.45 21.82
N ARG B 365 -33.53 -17.11 20.75
CA ARG B 365 -33.16 -16.69 19.41
C ARG B 365 -33.59 -15.25 19.14
N ILE B 366 -34.80 -14.88 19.55
CA ILE B 366 -35.27 -13.50 19.33
C ILE B 366 -34.45 -12.51 20.14
N MET B 367 -34.14 -12.83 21.40
CA MET B 367 -33.38 -11.90 22.23
C MET B 367 -31.97 -11.72 21.68
N VAL B 368 -31.37 -12.79 21.16
CA VAL B 368 -30.03 -12.69 20.59
C VAL B 368 -30.07 -11.96 19.25
N SER B 369 -30.94 -12.41 18.34
CA SER B 369 -30.91 -11.92 16.96
C SER B 369 -31.49 -10.51 16.80
N ARG B 370 -32.36 -10.06 17.69
CA ARG B 370 -32.98 -8.74 17.53
C ARG B 370 -32.41 -7.68 18.47
N SER B 371 -31.46 -8.06 19.34
CA SER B 371 -30.91 -7.14 20.32
C SER B 371 -30.20 -5.95 19.68
N GLU B 372 -29.69 -6.11 18.47
CA GLU B 372 -28.99 -5.02 17.80
C GLU B 372 -29.72 -4.58 16.53
N VAL B 373 -30.99 -4.98 16.39
CA VAL B 373 -31.79 -4.52 15.26
C VAL B 373 -32.91 -3.62 15.76
N ASP B 374 -33.94 -4.20 16.40
CA ASP B 374 -35.12 -3.39 16.71
C ASP B 374 -35.72 -3.72 18.07
N MET B 375 -34.91 -4.21 19.00
CA MET B 375 -35.40 -4.57 20.33
C MET B 375 -36.13 -3.42 21.02
N LEU B 376 -35.73 -2.17 20.76
CA LEU B 376 -36.42 -1.03 21.36
C LEU B 376 -37.84 -0.90 20.82
N LYS B 377 -38.04 -1.15 19.52
CA LYS B 377 -39.40 -1.12 18.97
C LYS B 377 -40.21 -2.34 19.42
N ILE B 378 -39.57 -3.52 19.45
CA ILE B 378 -40.23 -4.70 19.99
C ILE B 378 -40.74 -4.42 21.41
N ARG B 379 -39.88 -3.86 22.25
CA ARG B 379 -40.28 -3.54 23.63
C ARG B 379 -41.43 -2.55 23.65
N SER B 380 -41.40 -1.55 22.77
CA SER B 380 -42.48 -0.57 22.71
C SER B 380 -43.79 -1.23 22.31
N GLU B 381 -43.77 -2.02 21.23
CA GLU B 381 -44.98 -2.73 20.81
C GLU B 381 -45.46 -3.70 21.89
N PHE B 382 -44.52 -4.35 22.59
CA PHE B 382 -44.89 -5.31 23.62
C PHE B 382 -45.62 -4.63 24.78
N LYS B 383 -45.03 -3.57 25.33
CA LYS B 383 -45.66 -2.85 26.44
C LYS B 383 -47.02 -2.29 26.05
N ARG B 384 -47.17 -1.81 24.81
CA ARG B 384 -48.43 -1.21 24.40
C ARG B 384 -49.53 -2.26 24.32
N LYS B 385 -49.22 -3.44 23.79
CA LYS B 385 -50.25 -4.45 23.60
C LYS B 385 -50.53 -5.21 24.89
N TYR B 386 -49.48 -5.53 25.65
CA TYR B 386 -49.63 -6.46 26.76
C TYR B 386 -49.69 -5.79 28.12
N GLY B 387 -49.43 -4.49 28.20
CA GLY B 387 -49.60 -3.73 29.44
C GLY B 387 -48.48 -3.83 30.44
N LYS B 388 -47.79 -4.96 30.49
CA LYS B 388 -46.55 -5.09 31.24
C LYS B 388 -45.40 -5.22 30.25
N SER B 389 -44.20 -4.96 30.74
CA SER B 389 -43.03 -4.91 29.88
C SER B 389 -42.56 -6.31 29.48
N LEU B 390 -41.84 -6.35 28.36
CA LEU B 390 -41.10 -7.56 28.00
C LEU B 390 -40.18 -7.98 29.13
N TYR B 391 -39.55 -7.01 29.80
CA TYR B 391 -38.69 -7.28 30.95
C TYR B 391 -39.45 -8.07 32.01
N TYR B 392 -40.69 -7.68 32.28
CA TYR B 392 -41.47 -8.35 33.32
C TYR B 392 -41.73 -9.81 32.98
N TYR B 393 -42.09 -10.10 31.72
CA TYR B 393 -42.40 -11.47 31.35
C TYR B 393 -41.16 -12.36 31.44
N ILE B 394 -40.02 -11.88 30.93
CA ILE B 394 -38.77 -12.63 31.05
C ILE B 394 -38.45 -12.91 32.52
N GLN B 395 -38.68 -11.92 33.38
CA GLN B 395 -38.46 -12.11 34.81
C GLN B 395 -39.33 -13.21 35.37
N GLN B 396 -40.60 -13.28 34.93
CA GLN B 396 -41.50 -14.28 35.49
C GLN B 396 -41.22 -15.67 34.95
N ASP B 397 -40.65 -15.77 33.75
CA ASP B 397 -40.52 -17.07 33.11
C ASP B 397 -39.14 -17.69 33.23
N THR B 398 -38.11 -16.92 33.50
CA THR B 398 -36.75 -17.44 33.54
C THR B 398 -36.14 -17.12 34.90
N LYS B 399 -35.01 -17.77 35.19
CA LYS B 399 -34.35 -17.57 36.47
C LYS B 399 -32.85 -17.76 36.33
N GLY B 400 -32.11 -17.29 37.33
CA GLY B 400 -30.68 -17.50 37.38
C GLY B 400 -29.91 -16.57 36.47
N ASP B 401 -28.66 -16.96 36.19
CA ASP B 401 -27.84 -16.21 35.24
C ASP B 401 -28.48 -16.17 33.86
N TYR B 402 -29.21 -17.23 33.49
CA TYR B 402 -30.00 -17.24 32.26
C TYR B 402 -30.92 -16.03 32.22
N GLN B 403 -31.72 -15.85 33.28
CA GLN B 403 -32.61 -14.69 33.33
C GLN B 403 -31.83 -13.39 33.23
N LYS B 404 -30.74 -13.29 33.99
CA LYS B 404 -29.98 -12.04 33.98
C LYS B 404 -29.45 -11.72 32.59
N ALA B 405 -28.98 -12.73 31.85
CA ALA B 405 -28.51 -12.50 30.49
C ALA B 405 -29.63 -11.99 29.58
N LEU B 406 -30.81 -12.60 29.66
CA LEU B 406 -31.92 -12.16 28.80
C LEU B 406 -32.35 -10.74 29.14
N LEU B 407 -32.35 -10.39 30.43
CA LEU B 407 -32.76 -9.05 30.82
C LEU B 407 -31.76 -8.01 30.34
N TYR B 408 -30.47 -8.37 30.32
CA TYR B 408 -29.47 -7.46 29.74
C TYR B 408 -29.72 -7.27 28.25
N LEU B 409 -29.99 -8.36 27.52
CA LEU B 409 -30.31 -8.26 26.10
C LEU B 409 -31.56 -7.42 25.88
N CYS B 410 -32.54 -7.55 26.77
CA CYS B 410 -33.73 -6.71 26.70
C CYS B 410 -33.36 -5.23 26.85
N GLY B 411 -32.48 -4.92 27.79
CA GLY B 411 -31.90 -3.60 27.90
C GLY B 411 -32.52 -2.69 28.93
N GLY B 412 -33.63 -3.10 29.53
CA GLY B 412 -34.22 -2.31 30.60
C GLY B 412 -35.71 -2.51 30.66
N ASP B 413 -36.30 -1.96 31.73
CA ASP B 413 -37.72 -2.04 31.97
C ASP B 413 -38.48 -1.06 31.08
N ASP B 414 -39.72 -1.41 30.76
CA ASP B 414 -40.51 -0.79 29.69
C ASP B 414 -39.75 -0.79 28.36
N GLU C 1 7.03 -1.90 -35.19
CA GLU C 1 6.52 -3.25 -35.29
C GLU C 1 5.12 -3.34 -34.72
N ASP C 2 4.36 -2.25 -34.81
CA ASP C 2 3.03 -2.21 -34.23
C ASP C 2 2.15 -1.26 -35.02
N GLN C 3 0.87 -1.23 -34.65
CA GLN C 3 -0.15 -0.49 -35.38
C GLN C 3 -0.16 0.98 -34.98
N HIS C 4 -1.14 1.72 -35.52
CA HIS C 4 -1.34 3.10 -35.15
C HIS C 4 -1.79 3.17 -33.69
N THR C 5 -1.06 3.92 -32.89
CA THR C 5 -1.33 4.01 -31.46
C THR C 5 -2.22 5.22 -31.15
N GLN C 6 -2.96 5.11 -30.05
CA GLN C 6 -3.80 6.19 -29.58
C GLN C 6 -3.00 7.11 -28.67
N ILE C 7 -3.24 8.42 -28.80
CA ILE C 7 -2.51 9.44 -28.03
C ILE C 7 -3.51 10.31 -27.28
N THR C 8 -3.29 10.47 -25.98
CA THR C 8 -4.17 11.26 -25.12
C THR C 8 -3.36 12.20 -24.23
N VAL C 10 -2.75 14.28 -21.05
CA VAL C 10 -3.13 14.31 -19.64
C VAL C 10 -2.22 15.26 -18.88
N ILE D 7 -20.75 -6.44 -3.39
CA ILE D 7 -19.99 -6.94 -2.25
C ILE D 7 -18.75 -7.68 -2.69
N THR D 8 -17.64 -6.95 -2.82
CA THR D 8 -16.37 -7.58 -3.12
C THR D 8 -15.46 -7.48 -1.89
N VAL D 10 -11.57 -7.75 -0.79
CA VAL D 10 -10.18 -7.80 -1.23
C VAL D 10 -9.43 -8.86 -0.45
#